data_1HQI
#
_entry.id   1HQI
#
_cell.length_a   1.000
_cell.length_b   1.000
_cell.length_c   1.000
_cell.angle_alpha   90.00
_cell.angle_beta   90.00
_cell.angle_gamma   90.00
#
_symmetry.space_group_name_H-M   'P 1'
#
_entity_poly.entity_id   1
_entity_poly.type   'polypeptide(L)'
_entity_poly.pdbx_seq_one_letter_code
;MSSLVYIAFQDNDNARYVVEAIIQDNPHAVVQHHPAMIRIEAEKRLEIRRETVEENLGRAWDVQEMLVDVITIGGNVDED
DDRFVLEWKN
;
_entity_poly.pdbx_strand_id   A
#
# COMPACT_ATOMS: atom_id res chain seq x y z
N MET A 1 8.62 16.98 8.05
CA MET A 1 7.87 17.56 6.90
C MET A 1 8.52 17.10 5.59
N SER A 2 8.79 15.82 5.48
CA SER A 2 9.42 15.30 4.23
C SER A 2 9.23 13.78 4.18
N SER A 3 9.64 13.09 5.20
CA SER A 3 9.48 11.61 5.21
C SER A 3 8.09 11.24 4.69
N LEU A 4 7.99 10.66 3.52
CA LEU A 4 6.67 10.29 2.99
C LEU A 4 6.68 8.83 2.51
N VAL A 5 5.53 8.22 2.48
CA VAL A 5 5.43 6.81 2.04
C VAL A 5 4.59 6.72 0.77
N TYR A 6 3.91 5.62 0.57
CA TYR A 6 3.07 5.49 -0.65
C TYR A 6 2.53 4.07 -0.74
N ILE A 7 1.30 3.93 -1.14
CA ILE A 7 0.68 2.59 -1.28
C ILE A 7 -0.11 2.55 -2.58
N ALA A 8 -0.06 1.47 -3.32
CA ALA A 8 -0.81 1.47 -4.60
C ALA A 8 -1.59 0.17 -4.76
N PHE A 9 -2.52 0.14 -5.67
CA PHE A 9 -3.33 -1.08 -5.88
C PHE A 9 -3.95 -1.04 -7.28
N GLN A 10 -4.20 -2.17 -7.87
CA GLN A 10 -4.81 -2.17 -9.22
C GLN A 10 -5.98 -3.17 -9.22
N ASP A 11 -7.17 -2.69 -8.96
CA ASP A 11 -8.35 -3.61 -8.92
C ASP A 11 -8.93 -3.76 -10.34
N ASN A 12 -10.22 -3.63 -10.48
CA ASN A 12 -10.83 -3.77 -11.84
C ASN A 12 -10.79 -2.41 -12.56
N ASP A 13 -11.92 -1.80 -12.78
CA ASP A 13 -11.92 -0.49 -13.48
C ASP A 13 -12.82 0.50 -12.73
N ASN A 14 -13.77 0.01 -11.98
CA ASN A 14 -14.67 0.93 -11.22
C ASN A 14 -14.27 0.95 -9.75
N ALA A 15 -14.19 -0.18 -9.13
CA ALA A 15 -13.81 -0.22 -7.68
C ALA A 15 -12.63 0.71 -7.44
N ARG A 16 -11.77 0.86 -8.41
CA ARG A 16 -10.61 1.75 -8.23
C ARG A 16 -11.08 3.19 -8.05
N TYR A 17 -11.71 3.76 -9.04
CA TYR A 17 -12.19 5.16 -8.92
C TYR A 17 -12.92 5.33 -7.58
N VAL A 18 -13.64 4.33 -7.14
CA VAL A 18 -14.36 4.45 -5.84
C VAL A 18 -13.35 4.82 -4.75
N VAL A 19 -12.36 4.02 -4.55
CA VAL A 19 -11.35 4.35 -3.50
C VAL A 19 -10.76 5.72 -3.79
N GLU A 20 -10.83 6.16 -5.02
CA GLU A 20 -10.28 7.50 -5.39
C GLU A 20 -11.15 8.58 -4.75
N ALA A 21 -12.44 8.38 -4.73
CA ALA A 21 -13.34 9.40 -4.12
C ALA A 21 -13.11 9.41 -2.61
N ILE A 22 -12.75 8.29 -2.05
CA ILE A 22 -12.51 8.25 -0.58
C ILE A 22 -11.23 9.02 -0.24
N ILE A 23 -10.13 8.68 -0.84
CA ILE A 23 -8.86 9.40 -0.53
C ILE A 23 -9.02 10.88 -0.84
N GLN A 24 -9.76 11.22 -1.87
CA GLN A 24 -9.95 12.66 -2.19
C GLN A 24 -10.82 13.29 -1.11
N ASP A 25 -11.78 12.56 -0.60
CA ASP A 25 -12.63 13.12 0.47
C ASP A 25 -11.73 13.81 1.50
N ASN A 26 -10.64 13.18 1.83
CA ASN A 26 -9.70 13.80 2.80
C ASN A 26 -8.85 14.84 2.06
N PRO A 27 -8.67 15.97 2.68
CA PRO A 27 -7.85 17.02 2.03
C PRO A 27 -6.36 16.78 2.30
N HIS A 28 -5.92 15.56 2.15
CA HIS A 28 -4.48 15.27 2.40
C HIS A 28 -4.01 14.14 1.50
N ALA A 29 -4.85 13.14 1.30
CA ALA A 29 -4.44 12.00 0.43
C ALA A 29 -3.79 12.53 -0.85
N VAL A 30 -2.75 11.88 -1.30
CA VAL A 30 -2.07 12.34 -2.55
C VAL A 30 -2.50 11.47 -3.72
N VAL A 31 -2.03 11.77 -4.90
CA VAL A 31 -2.42 10.96 -6.09
C VAL A 31 -1.21 10.82 -7.01
N GLN A 32 -1.17 9.78 -7.79
CA GLN A 32 -0.01 9.58 -8.71
C GLN A 32 -0.50 9.06 -10.07
N HIS A 33 -0.92 7.82 -10.12
CA HIS A 33 -1.40 7.26 -11.41
C HIS A 33 -2.93 7.40 -11.48
N HIS A 34 -3.52 7.00 -12.58
CA HIS A 34 -5.00 7.12 -12.72
C HIS A 34 -5.50 6.04 -13.69
N PRO A 35 -5.09 6.15 -14.93
CA PRO A 35 -5.55 5.14 -15.91
C PRO A 35 -5.07 3.75 -15.50
N ALA A 36 -3.81 3.46 -15.69
CA ALA A 36 -3.29 2.11 -15.32
C ALA A 36 -3.79 1.72 -13.93
N MET A 37 -3.02 2.00 -12.91
CA MET A 37 -3.44 1.64 -11.53
C MET A 37 -3.66 2.90 -10.70
N ILE A 38 -3.78 2.77 -9.41
CA ILE A 38 -3.98 3.96 -8.55
C ILE A 38 -2.96 3.93 -7.41
N ARG A 39 -1.93 4.72 -7.52
CA ARG A 39 -0.88 4.72 -6.44
C ARG A 39 -1.28 5.72 -5.36
N ILE A 40 -0.59 5.70 -4.25
CA ILE A 40 -0.92 6.64 -3.15
C ILE A 40 0.36 7.12 -2.47
N GLU A 41 0.29 8.17 -1.70
CA GLU A 41 1.51 8.69 -1.01
C GLU A 41 1.16 9.22 0.37
N ALA A 42 2.06 9.08 1.31
CA ALA A 42 1.81 9.59 2.68
C ALA A 42 2.98 10.48 3.09
N GLU A 43 3.04 10.90 4.33
CA GLU A 43 4.16 11.81 4.75
C GLU A 43 4.65 11.41 6.14
N LYS A 44 5.22 10.24 6.31
CA LYS A 44 5.72 9.85 7.65
C LYS A 44 6.23 8.41 7.63
N ARG A 45 5.97 7.66 8.66
CA ARG A 45 6.46 6.25 8.71
C ARG A 45 5.30 5.29 8.98
N LEU A 46 5.53 4.03 8.78
CA LEU A 46 4.45 3.02 9.01
C LEU A 46 4.99 1.91 9.92
N GLU A 47 4.12 1.19 10.58
CA GLU A 47 4.61 0.10 11.48
C GLU A 47 3.55 -1.01 11.58
N ILE A 48 3.98 -2.24 11.58
CA ILE A 48 3.02 -3.37 11.67
C ILE A 48 3.59 -4.44 12.61
N ARG A 49 2.73 -5.18 13.27
CA ARG A 49 3.23 -6.23 14.21
C ARG A 49 3.22 -7.59 13.52
N ARG A 50 3.70 -8.60 14.19
CA ARG A 50 3.72 -9.97 13.57
C ARG A 50 2.28 -10.46 13.39
N GLU A 51 1.37 -9.95 14.17
CA GLU A 51 -0.05 -10.39 14.03
C GLU A 51 -0.45 -10.31 12.57
N THR A 52 -0.04 -9.29 11.88
CA THR A 52 -0.40 -9.16 10.45
C THR A 52 0.28 -10.30 9.68
N VAL A 53 1.54 -10.52 9.92
CA VAL A 53 2.25 -11.62 9.23
C VAL A 53 1.50 -12.92 9.47
N GLU A 54 0.73 -12.97 10.53
CA GLU A 54 -0.05 -14.20 10.84
C GLU A 54 -1.24 -14.24 9.89
N GLU A 55 -1.85 -13.11 9.61
CA GLU A 55 -3.01 -13.10 8.69
C GLU A 55 -2.54 -13.48 7.28
N ASN A 56 -1.55 -12.80 6.78
CA ASN A 56 -1.03 -13.13 5.42
C ASN A 56 -0.64 -14.61 5.38
N LEU A 57 -0.16 -15.14 6.47
CA LEU A 57 0.23 -16.57 6.48
C LEU A 57 -0.98 -17.43 6.11
N GLY A 58 -2.06 -17.28 6.83
CA GLY A 58 -3.28 -18.08 6.50
C GLY A 58 -3.89 -17.57 5.20
N ARG A 59 -3.39 -16.49 4.69
CA ARG A 59 -3.94 -15.93 3.41
C ARG A 59 -2.85 -15.95 2.34
N ALA A 60 -1.75 -16.61 2.60
CA ALA A 60 -0.65 -16.68 1.60
C ALA A 60 -1.09 -17.53 0.41
N TRP A 61 -2.23 -18.16 0.50
CA TRP A 61 -2.71 -19.01 -0.64
C TRP A 61 -3.57 -18.15 -1.57
N ASP A 62 -3.44 -16.87 -1.49
CA ASP A 62 -4.25 -15.97 -2.36
C ASP A 62 -3.33 -15.29 -3.38
N VAL A 63 -2.10 -15.70 -3.46
CA VAL A 63 -1.16 -15.06 -4.42
C VAL A 63 -1.81 -14.97 -5.80
N GLN A 64 -2.42 -16.04 -6.26
CA GLN A 64 -3.05 -16.02 -7.60
C GLN A 64 -3.98 -14.80 -7.70
N GLU A 65 -4.78 -14.58 -6.69
CA GLU A 65 -5.71 -13.42 -6.73
C GLU A 65 -4.89 -12.12 -6.65
N MET A 66 -3.74 -12.17 -6.02
CA MET A 66 -2.90 -10.95 -5.92
C MET A 66 -2.25 -10.67 -7.27
N LEU A 67 -2.21 -11.64 -8.14
CA LEU A 67 -1.59 -11.43 -9.49
C LEU A 67 -2.48 -10.49 -10.32
N VAL A 68 -3.71 -10.86 -10.52
CA VAL A 68 -4.62 -9.99 -11.32
C VAL A 68 -4.49 -8.54 -10.85
N ASP A 69 -4.87 -8.26 -9.63
CA ASP A 69 -4.77 -6.87 -9.12
C ASP A 69 -3.34 -6.62 -8.62
N VAL A 70 -2.91 -5.38 -8.62
CA VAL A 70 -1.53 -5.07 -8.13
C VAL A 70 -1.59 -4.58 -6.69
N ILE A 71 -0.47 -4.53 -6.02
CA ILE A 71 -0.47 -4.06 -4.61
C ILE A 71 0.85 -3.31 -4.32
N THR A 72 0.79 -2.39 -3.40
CA THR A 72 2.02 -1.62 -3.04
C THR A 72 1.77 -0.88 -1.73
N ILE A 73 2.79 -0.63 -0.96
CA ILE A 73 2.58 0.06 0.33
C ILE A 73 3.84 0.81 0.77
N GLY A 74 3.63 1.85 1.51
CA GLY A 74 4.73 2.68 2.05
C GLY A 74 5.74 3.01 0.97
N GLY A 75 6.65 2.12 0.79
CA GLY A 75 7.72 2.32 -0.23
C GLY A 75 8.78 1.24 -0.10
N ASN A 76 9.25 0.97 1.09
CA ASN A 76 10.29 -0.09 1.27
C ASN A 76 9.76 -1.17 2.20
N VAL A 77 10.58 -1.70 3.05
CA VAL A 77 10.09 -2.75 3.97
C VAL A 77 11.23 -3.25 4.86
N ASP A 78 11.33 -2.75 6.06
CA ASP A 78 12.42 -3.21 6.97
C ASP A 78 11.85 -4.24 7.95
N GLU A 79 12.48 -5.36 8.09
CA GLU A 79 11.96 -6.40 9.04
C GLU A 79 13.06 -6.79 10.02
N ASP A 80 12.72 -6.98 11.26
CA ASP A 80 13.75 -7.37 12.26
C ASP A 80 13.72 -8.88 12.47
N ASP A 81 13.04 -9.36 13.47
CA ASP A 81 12.99 -10.82 13.72
C ASP A 81 11.64 -11.36 13.27
N ASP A 82 10.57 -10.89 13.86
CA ASP A 82 9.22 -11.37 13.47
C ASP A 82 8.34 -10.17 13.15
N ARG A 83 8.58 -9.07 13.81
CA ARG A 83 7.76 -7.85 13.56
C ARG A 83 8.07 -7.32 12.16
N PHE A 84 7.28 -6.41 11.68
CA PHE A 84 7.52 -5.85 10.32
C PHE A 84 7.22 -4.35 10.34
N VAL A 85 8.14 -3.54 9.90
CA VAL A 85 7.91 -2.07 9.90
C VAL A 85 8.43 -1.44 8.61
N LEU A 86 7.83 -0.36 8.18
CA LEU A 86 8.29 0.33 6.93
C LEU A 86 7.84 1.78 6.98
N GLU A 87 8.71 2.68 6.63
CA GLU A 87 8.34 4.13 6.63
C GLU A 87 8.53 4.69 5.22
N TRP A 88 8.82 5.95 5.12
CA TRP A 88 9.05 6.53 3.78
C TRP A 88 10.07 5.65 3.04
N LYS A 89 11.32 5.80 3.36
CA LYS A 89 12.36 4.97 2.70
C LYS A 89 12.31 5.21 1.19
N ASN A 90 13.34 5.81 0.64
CA ASN A 90 13.35 6.05 -0.83
C ASN A 90 14.13 4.95 -1.53
N MET A 1 9.84 18.43 9.43
CA MET A 1 9.91 16.97 9.12
C MET A 1 8.76 16.58 8.19
N SER A 2 8.92 15.53 7.44
CA SER A 2 7.83 15.11 6.51
C SER A 2 7.67 13.59 6.57
N SER A 3 8.50 12.87 5.89
CA SER A 3 8.41 11.38 5.92
C SER A 3 7.17 10.93 5.12
N LEU A 4 7.34 10.63 3.86
CA LEU A 4 6.18 10.20 3.05
C LEU A 4 6.60 9.16 2.01
N VAL A 5 5.69 8.34 1.59
CA VAL A 5 6.00 7.29 0.60
C VAL A 5 5.23 7.57 -0.69
N TYR A 6 5.27 6.66 -1.62
CA TYR A 6 4.52 6.86 -2.88
C TYR A 6 4.30 5.50 -3.53
N ILE A 7 3.13 5.27 -4.05
CA ILE A 7 2.86 3.97 -4.70
C ILE A 7 1.68 4.16 -5.67
N ALA A 8 1.70 3.53 -6.81
CA ALA A 8 0.57 3.71 -7.76
C ALA A 8 0.32 2.42 -8.53
N PHE A 9 -0.91 2.21 -8.93
CA PHE A 9 -1.25 0.97 -9.68
C PHE A 9 -2.13 1.36 -10.87
N GLN A 10 -2.40 0.43 -11.73
CA GLN A 10 -3.28 0.74 -12.89
C GLN A 10 -4.09 -0.50 -13.27
N ASP A 11 -5.16 -0.75 -12.56
CA ASP A 11 -6.00 -1.94 -12.86
C ASP A 11 -7.30 -1.47 -13.51
N ASN A 12 -8.18 -2.38 -13.84
CA ASN A 12 -9.46 -1.97 -14.48
C ASN A 12 -10.27 -1.13 -13.48
N ASP A 13 -11.19 -1.72 -12.78
CA ASP A 13 -12.01 -0.95 -11.80
C ASP A 13 -12.49 -1.87 -10.67
N ASN A 14 -11.93 -3.06 -10.57
CA ASN A 14 -12.37 -3.99 -9.49
C ASN A 14 -11.34 -3.97 -8.37
N ALA A 15 -10.11 -4.26 -8.67
CA ALA A 15 -9.05 -4.27 -7.63
C ALA A 15 -8.91 -2.87 -7.02
N ARG A 16 -8.68 -1.90 -7.83
CA ARG A 16 -8.53 -0.52 -7.31
C ARG A 16 -9.70 -0.18 -6.39
N TYR A 17 -10.89 -0.60 -6.75
CA TYR A 17 -12.07 -0.32 -5.89
C TYR A 17 -11.84 -0.92 -4.51
N VAL A 18 -11.42 -2.15 -4.44
CA VAL A 18 -11.18 -2.80 -3.13
C VAL A 18 -10.23 -1.93 -2.31
N VAL A 19 -9.10 -1.59 -2.86
CA VAL A 19 -8.13 -0.74 -2.11
C VAL A 19 -8.77 0.62 -1.83
N GLU A 20 -9.76 0.98 -2.59
CA GLU A 20 -10.43 2.29 -2.37
C GLU A 20 -11.21 2.26 -1.05
N ALA A 21 -11.93 1.20 -0.79
CA ALA A 21 -12.71 1.13 0.48
C ALA A 21 -11.74 0.94 1.65
N ILE A 22 -10.65 0.27 1.43
CA ILE A 22 -9.67 0.06 2.53
C ILE A 22 -9.04 1.41 2.92
N ILE A 23 -8.71 2.21 1.94
CA ILE A 23 -8.11 3.54 2.25
C ILE A 23 -9.09 4.36 3.07
N GLN A 24 -10.29 4.54 2.59
CA GLN A 24 -11.29 5.32 3.36
C GLN A 24 -11.47 4.68 4.73
N ASP A 25 -11.32 3.37 4.80
CA ASP A 25 -11.46 2.69 6.12
C ASP A 25 -10.67 3.50 7.15
N ASN A 26 -9.45 3.84 6.81
CA ASN A 26 -8.62 4.65 7.74
C ASN A 26 -8.98 6.12 7.54
N PRO A 27 -9.15 6.83 8.62
CA PRO A 27 -9.49 8.26 8.49
C PRO A 27 -8.23 9.09 8.29
N HIS A 28 -7.35 8.66 7.43
CA HIS A 28 -6.09 9.41 7.20
C HIS A 28 -5.59 9.16 5.77
N ALA A 29 -5.52 7.92 5.37
CA ALA A 29 -5.03 7.61 4.00
C ALA A 29 -5.63 8.60 3.00
N VAL A 30 -4.86 9.02 2.03
CA VAL A 30 -5.38 9.99 1.02
C VAL A 30 -5.76 9.23 -0.25
N VAL A 31 -6.02 9.93 -1.32
CA VAL A 31 -6.39 9.26 -2.59
C VAL A 31 -6.39 10.28 -3.73
N GLN A 32 -6.42 9.80 -4.94
CA GLN A 32 -6.43 10.74 -6.11
C GLN A 32 -7.29 10.15 -7.22
N HIS A 33 -8.59 10.24 -7.09
CA HIS A 33 -9.49 9.70 -8.14
C HIS A 33 -9.01 10.17 -9.51
N HIS A 34 -8.37 9.32 -10.26
CA HIS A 34 -7.89 9.72 -11.61
C HIS A 34 -8.78 9.10 -12.68
N PRO A 35 -8.46 9.35 -13.91
CA PRO A 35 -9.26 8.79 -15.01
C PRO A 35 -9.10 7.26 -15.05
N ALA A 36 -7.99 6.79 -15.52
CA ALA A 36 -7.78 5.32 -15.59
C ALA A 36 -6.56 4.92 -14.74
N MET A 37 -5.97 5.87 -14.06
CA MET A 37 -4.79 5.55 -13.22
C MET A 37 -5.14 5.72 -11.75
N ILE A 38 -4.43 5.08 -10.87
CA ILE A 38 -4.74 5.21 -9.41
C ILE A 38 -3.45 5.43 -8.62
N ARG A 39 -3.08 6.66 -8.41
CA ARG A 39 -1.82 6.95 -7.66
C ARG A 39 -2.10 6.95 -6.15
N ILE A 40 -1.08 6.81 -5.35
CA ILE A 40 -1.27 6.81 -3.88
C ILE A 40 -0.02 7.37 -3.19
N GLU A 41 -0.12 7.76 -1.95
CA GLU A 41 1.05 8.33 -1.25
C GLU A 41 0.83 8.31 0.27
N ALA A 42 1.90 8.32 1.04
CA ALA A 42 1.76 8.31 2.53
C ALA A 42 2.61 9.45 3.11
N GLU A 43 2.59 9.64 4.41
CA GLU A 43 3.40 10.75 5.01
C GLU A 43 3.68 10.50 6.49
N LYS A 44 4.48 9.51 6.83
CA LYS A 44 4.78 9.28 8.28
C LYS A 44 5.52 7.95 8.47
N ARG A 45 5.36 7.34 9.63
CA ARG A 45 6.05 6.05 9.91
C ARG A 45 5.01 5.01 10.32
N LEU A 46 5.10 3.83 9.78
CA LEU A 46 4.10 2.77 10.12
C LEU A 46 4.84 1.51 10.57
N GLU A 47 4.17 0.61 11.22
CA GLU A 47 4.85 -0.64 11.67
C GLU A 47 3.87 -1.60 12.33
N ILE A 48 4.22 -2.86 12.38
CA ILE A 48 3.32 -3.87 13.01
C ILE A 48 4.18 -5.02 13.55
N ARG A 49 3.69 -5.74 14.53
CA ARG A 49 4.49 -6.85 15.10
C ARG A 49 4.01 -8.19 14.52
N ARG A 50 3.41 -9.04 15.33
CA ARG A 50 2.92 -10.35 14.83
C ARG A 50 1.86 -10.16 13.74
N GLU A 51 1.45 -8.95 13.48
CA GLU A 51 0.43 -8.72 12.42
C GLU A 51 0.92 -9.37 11.11
N THR A 52 2.17 -9.71 11.02
CA THR A 52 2.66 -10.34 9.77
C THR A 52 1.86 -11.61 9.48
N VAL A 53 1.54 -12.38 10.50
CA VAL A 53 0.75 -13.62 10.27
C VAL A 53 -0.51 -13.24 9.49
N GLU A 54 -1.00 -12.04 9.72
CA GLU A 54 -2.21 -11.59 8.96
C GLU A 54 -1.80 -11.42 7.51
N GLU A 55 -0.64 -10.88 7.28
CA GLU A 55 -0.19 -10.71 5.88
C GLU A 55 -0.36 -12.05 5.16
N ASN A 56 0.33 -13.07 5.60
CA ASN A 56 0.19 -14.41 4.96
C ASN A 56 -1.28 -14.76 4.83
N LEU A 57 -2.11 -14.31 5.73
CA LEU A 57 -3.56 -14.61 5.58
C LEU A 57 -3.95 -14.19 4.16
N GLY A 58 -3.77 -12.94 3.85
CA GLY A 58 -4.08 -12.48 2.47
C GLY A 58 -3.30 -13.40 1.52
N ARG A 59 -2.22 -13.97 2.05
CA ARG A 59 -1.31 -14.89 1.32
C ARG A 59 0.01 -14.19 1.10
N ALA A 60 0.40 -13.40 2.05
CA ALA A 60 1.65 -12.64 1.85
C ALA A 60 1.32 -11.77 0.66
N TRP A 61 0.91 -10.55 0.91
CA TRP A 61 0.45 -9.63 -0.19
C TRP A 61 0.98 -10.13 -1.53
N ASP A 62 0.26 -11.09 -2.05
CA ASP A 62 0.63 -11.79 -3.31
C ASP A 62 -0.32 -11.37 -4.43
N VAL A 63 -0.21 -10.16 -4.89
CA VAL A 63 -1.10 -9.69 -5.98
C VAL A 63 -0.50 -10.04 -7.33
N GLN A 64 0.57 -10.79 -7.34
CA GLN A 64 1.21 -11.17 -8.63
C GLN A 64 0.14 -11.54 -9.65
N GLU A 65 -0.94 -12.13 -9.21
CA GLU A 65 -2.02 -12.50 -10.16
C GLU A 65 -2.59 -11.23 -10.79
N MET A 66 -2.95 -10.28 -9.98
CA MET A 66 -3.52 -9.00 -10.50
C MET A 66 -2.39 -8.14 -11.08
N LEU A 67 -1.18 -8.59 -10.99
CA LEU A 67 -0.03 -7.81 -11.51
C LEU A 67 -0.39 -7.11 -12.84
N VAL A 68 -1.33 -7.64 -13.58
CA VAL A 68 -1.72 -7.01 -14.87
C VAL A 68 -1.72 -5.48 -14.73
N ASP A 69 -2.31 -4.97 -13.68
CA ASP A 69 -2.35 -3.50 -13.48
C ASP A 69 -0.94 -2.97 -13.28
N VAL A 70 -0.69 -1.75 -13.69
CA VAL A 70 0.68 -1.17 -13.50
C VAL A 70 0.97 -1.10 -12.00
N ILE A 71 2.19 -0.82 -11.63
CA ILE A 71 2.51 -0.75 -10.18
C ILE A 71 3.52 0.36 -9.90
N THR A 72 3.56 0.84 -8.69
CA THR A 72 4.53 1.92 -8.32
C THR A 72 4.72 1.91 -6.80
N ILE A 73 5.92 2.16 -6.34
CA ILE A 73 6.17 2.14 -4.87
C ILE A 73 7.19 3.22 -4.50
N GLY A 74 7.27 3.56 -3.24
CA GLY A 74 8.24 4.60 -2.80
C GLY A 74 8.20 4.69 -1.27
N GLY A 75 8.73 3.69 -0.62
CA GLY A 75 8.72 3.69 0.87
C GLY A 75 8.33 2.29 1.33
N ASN A 76 9.24 1.54 1.86
CA ASN A 76 8.91 0.17 2.29
C ASN A 76 9.91 -0.33 3.33
N VAL A 77 9.40 -1.01 4.31
CA VAL A 77 10.24 -1.57 5.39
C VAL A 77 9.51 -2.80 5.92
N ASP A 78 8.78 -3.44 5.05
CA ASP A 78 7.95 -4.62 5.43
C ASP A 78 8.75 -5.61 6.25
N GLU A 79 9.95 -5.77 5.90
CA GLU A 79 10.80 -6.74 6.65
C GLU A 79 11.88 -6.02 7.44
N ASP A 80 11.69 -5.89 8.73
CA ASP A 80 12.71 -5.22 9.57
C ASP A 80 13.30 -6.24 10.56
N ASP A 81 12.52 -6.69 11.50
CA ASP A 81 13.03 -7.68 12.49
C ASP A 81 12.39 -9.05 12.20
N ASP A 82 11.34 -9.39 12.90
CA ASP A 82 10.68 -10.71 12.65
C ASP A 82 9.18 -10.49 12.50
N ARG A 83 8.74 -9.26 12.59
CA ARG A 83 7.29 -8.97 12.46
C ARG A 83 7.00 -8.38 11.06
N PHE A 84 6.74 -7.11 10.97
CA PHE A 84 6.46 -6.50 9.63
C PHE A 84 6.31 -4.98 9.80
N VAL A 85 7.16 -4.21 9.18
CA VAL A 85 7.05 -2.72 9.37
C VAL A 85 7.10 -2.01 7.99
N LEU A 86 6.91 -0.71 7.98
CA LEU A 86 6.95 0.06 6.72
C LEU A 86 6.74 1.53 7.10
N GLU A 87 7.57 2.42 6.62
CA GLU A 87 7.41 3.85 7.00
C GLU A 87 7.39 4.75 5.77
N TRP A 88 7.82 5.97 5.94
CA TRP A 88 7.88 6.94 4.85
C TRP A 88 8.68 6.35 3.68
N LYS A 89 9.21 7.19 2.83
CA LYS A 89 10.01 6.69 1.68
C LYS A 89 11.19 5.88 2.21
N ASN A 90 12.24 5.76 1.45
CA ASN A 90 13.43 4.98 1.93
C ASN A 90 14.56 5.94 2.28
N MET A 1 12.01 14.62 7.22
CA MET A 1 11.08 14.66 6.05
C MET A 1 11.12 13.32 5.32
N SER A 2 11.27 12.24 6.03
CA SER A 2 11.31 10.91 5.36
C SER A 2 10.28 9.98 6.01
N SER A 3 9.02 10.31 5.91
CA SER A 3 7.97 9.45 6.53
C SER A 3 6.88 9.15 5.51
N LEU A 4 7.22 9.03 4.25
CA LEU A 4 6.19 8.73 3.22
C LEU A 4 6.55 7.44 2.48
N VAL A 5 5.63 6.92 1.72
CA VAL A 5 5.89 5.66 0.98
C VAL A 5 5.47 5.80 -0.48
N TYR A 6 5.61 4.76 -1.25
CA TYR A 6 5.19 4.81 -2.67
C TYR A 6 4.74 3.41 -3.10
N ILE A 7 3.73 3.32 -3.90
CA ILE A 7 3.25 1.99 -4.36
C ILE A 7 2.41 2.21 -5.62
N ALA A 8 2.23 1.20 -6.44
CA ALA A 8 1.42 1.42 -7.67
C ALA A 8 0.91 0.08 -8.18
N PHE A 9 -0.27 0.06 -8.74
CA PHE A 9 -0.82 -1.22 -9.24
C PHE A 9 -1.64 -0.96 -10.50
N GLN A 10 -2.35 -1.95 -10.97
CA GLN A 10 -3.18 -1.76 -12.20
C GLN A 10 -4.40 -2.68 -12.10
N ASP A 11 -5.52 -2.14 -11.70
CA ASP A 11 -6.76 -2.97 -11.58
C ASP A 11 -7.74 -2.58 -12.71
N ASN A 12 -8.35 -3.55 -13.33
CA ASN A 12 -9.32 -3.23 -14.42
C ASN A 12 -10.59 -2.62 -13.83
N ASP A 13 -10.95 -3.01 -12.64
CA ASP A 13 -12.16 -2.44 -12.02
C ASP A 13 -12.01 -0.93 -11.95
N ASN A 14 -12.70 -0.23 -12.79
CA ASN A 14 -12.60 1.26 -12.77
C ASN A 14 -13.05 1.76 -11.41
N ALA A 15 -13.64 0.91 -10.61
CA ALA A 15 -14.10 1.35 -9.26
C ALA A 15 -12.92 1.99 -8.53
N ARG A 16 -11.73 1.53 -8.80
CA ARG A 16 -10.54 2.10 -8.12
C ARG A 16 -10.34 3.54 -8.60
N TYR A 17 -10.44 3.76 -9.89
CA TYR A 17 -10.26 5.14 -10.42
C TYR A 17 -11.22 6.09 -9.70
N VAL A 18 -12.45 5.69 -9.53
CA VAL A 18 -13.43 6.56 -8.82
C VAL A 18 -12.86 6.92 -7.45
N VAL A 19 -12.60 5.96 -6.62
CA VAL A 19 -12.04 6.26 -5.27
C VAL A 19 -10.78 7.12 -5.46
N GLU A 20 -10.17 7.05 -6.61
CA GLU A 20 -8.95 7.87 -6.84
C GLU A 20 -9.33 9.35 -6.88
N ALA A 21 -10.27 9.70 -7.72
CA ALA A 21 -10.69 11.13 -7.81
C ALA A 21 -11.06 11.62 -6.41
N ILE A 22 -11.65 10.78 -5.61
CA ILE A 22 -12.03 11.21 -4.24
C ILE A 22 -10.78 11.54 -3.44
N ILE A 23 -9.78 10.69 -3.52
CA ILE A 23 -8.52 10.97 -2.77
C ILE A 23 -8.04 12.39 -3.08
N GLN A 24 -8.00 12.75 -4.34
CA GLN A 24 -7.56 14.13 -4.69
C GLN A 24 -8.55 15.12 -4.09
N ASP A 25 -9.79 14.75 -3.98
CA ASP A 25 -10.79 15.67 -3.39
C ASP A 25 -10.22 16.20 -2.07
N ASN A 26 -9.46 15.39 -1.39
CA ASN A 26 -8.86 15.82 -0.11
C ASN A 26 -7.63 16.67 -0.40
N PRO A 27 -7.49 17.75 0.33
CA PRO A 27 -6.32 18.62 0.10
C PRO A 27 -5.12 18.08 0.88
N HIS A 28 -4.89 16.80 0.83
CA HIS A 28 -3.74 16.22 1.58
C HIS A 28 -3.25 14.97 0.86
N ALA A 29 -4.14 14.04 0.60
CA ALA A 29 -3.74 12.80 -0.10
C ALA A 29 -3.25 13.16 -1.50
N VAL A 30 -2.20 12.53 -1.97
CA VAL A 30 -1.68 12.83 -3.32
C VAL A 30 -2.14 11.76 -4.30
N VAL A 31 -2.16 12.06 -5.57
CA VAL A 31 -2.58 11.06 -6.58
C VAL A 31 -1.67 11.13 -7.80
N GLN A 32 -1.45 10.04 -8.46
CA GLN A 32 -0.57 10.04 -9.66
C GLN A 32 -1.12 9.06 -10.69
N HIS A 33 -2.40 9.06 -10.91
CA HIS A 33 -3.00 8.14 -11.90
C HIS A 33 -2.14 8.13 -13.17
N HIS A 34 -1.95 6.98 -13.76
CA HIS A 34 -1.13 6.91 -14.99
C HIS A 34 -2.04 6.77 -16.22
N PRO A 35 -1.43 6.74 -17.37
CA PRO A 35 -2.23 6.61 -18.60
C PRO A 35 -2.70 5.16 -18.77
N ALA A 36 -1.97 4.21 -18.26
CA ALA A 36 -2.39 2.79 -18.40
C ALA A 36 -2.50 2.14 -17.01
N MET A 37 -1.71 2.60 -16.08
CA MET A 37 -1.77 2.00 -14.71
C MET A 37 -2.20 3.09 -13.71
N ILE A 38 -2.10 2.81 -12.44
CA ILE A 38 -2.49 3.81 -11.41
C ILE A 38 -1.48 3.77 -10.26
N ARG A 39 -0.75 4.84 -10.06
CA ARG A 39 0.26 4.85 -8.97
C ARG A 39 -0.16 5.81 -7.86
N ILE A 40 0.11 5.44 -6.64
CA ILE A 40 -0.25 6.32 -5.49
C ILE A 40 0.81 6.16 -4.39
N GLU A 41 1.01 7.18 -3.59
CA GLU A 41 2.03 7.09 -2.50
C GLU A 41 1.38 7.51 -1.18
N ALA A 42 2.09 7.44 -0.09
CA ALA A 42 1.51 7.84 1.21
C ALA A 42 2.48 8.76 1.96
N GLU A 43 2.11 9.19 3.13
CA GLU A 43 3.01 10.09 3.91
C GLU A 43 2.95 9.70 5.39
N LYS A 44 3.29 8.48 5.70
CA LYS A 44 3.25 8.05 7.12
C LYS A 44 4.26 6.92 7.36
N ARG A 45 4.17 6.25 8.46
CA ARG A 45 5.13 5.13 8.76
C ARG A 45 4.40 3.99 9.43
N LEU A 46 5.12 3.00 9.92
CA LEU A 46 4.44 1.85 10.58
C LEU A 46 5.41 1.12 11.51
N GLU A 47 4.90 0.40 12.47
CA GLU A 47 5.77 -0.36 13.41
C GLU A 47 4.94 -1.45 14.10
N ILE A 48 5.49 -2.61 14.27
CA ILE A 48 4.72 -3.71 14.94
C ILE A 48 5.67 -4.71 15.58
N ARG A 49 5.33 -5.22 16.74
CA ARG A 49 6.23 -6.20 17.41
C ARG A 49 5.69 -7.62 17.19
N ARG A 50 5.04 -8.18 18.18
CA ARG A 50 4.49 -9.56 18.03
C ARG A 50 3.34 -9.53 17.03
N GLU A 51 2.93 -8.36 16.60
CA GLU A 51 1.82 -8.27 15.62
C GLU A 51 2.16 -9.10 14.39
N THR A 52 3.40 -9.47 14.22
CA THR A 52 3.77 -10.28 13.03
C THR A 52 2.98 -11.58 13.04
N VAL A 53 2.84 -12.21 14.17
CA VAL A 53 2.06 -13.47 14.23
C VAL A 53 0.73 -13.24 13.51
N GLU A 54 0.21 -12.04 13.60
CA GLU A 54 -1.06 -11.73 12.90
C GLU A 54 -0.79 -11.76 11.40
N GLU A 55 0.28 -11.14 10.98
CA GLU A 55 0.60 -11.15 9.53
C GLU A 55 0.51 -12.60 9.03
N ASN A 56 1.06 -13.53 9.77
CA ASN A 56 0.98 -14.95 9.34
C ASN A 56 -0.50 -15.28 9.12
N LEU A 57 -1.34 -14.86 10.02
CA LEU A 57 -2.80 -15.12 9.84
C LEU A 57 -3.18 -14.65 8.45
N GLY A 58 -3.22 -13.36 8.27
CA GLY A 58 -3.58 -12.79 6.94
C GLY A 58 -2.94 -13.64 5.83
N ARG A 59 -1.83 -14.26 6.11
CA ARG A 59 -1.18 -15.10 5.07
C ARG A 59 -2.18 -16.10 4.52
N ALA A 60 -2.73 -16.93 5.38
CA ALA A 60 -3.74 -17.92 4.90
C ALA A 60 -4.69 -17.23 3.93
N TRP A 61 -4.94 -15.96 4.14
CA TRP A 61 -5.82 -15.21 3.22
C TRP A 61 -4.96 -14.58 2.13
N ASP A 62 -4.12 -15.37 1.52
CA ASP A 62 -3.22 -14.86 0.46
C ASP A 62 -4.02 -14.65 -0.82
N VAL A 63 -4.74 -13.57 -0.88
CA VAL A 63 -5.56 -13.26 -2.09
C VAL A 63 -4.67 -12.83 -3.26
N GLN A 64 -3.38 -12.94 -3.12
CA GLN A 64 -2.46 -12.54 -4.23
C GLN A 64 -3.05 -12.96 -5.58
N GLU A 65 -3.84 -13.99 -5.60
CA GLU A 65 -4.45 -14.43 -6.89
C GLU A 65 -5.25 -13.26 -7.48
N MET A 66 -6.18 -12.74 -6.73
CA MET A 66 -6.99 -11.60 -7.24
C MET A 66 -6.09 -10.36 -7.37
N LEU A 67 -4.88 -10.45 -6.89
CA LEU A 67 -3.95 -9.29 -6.97
C LEU A 67 -3.37 -9.16 -8.39
N VAL A 68 -3.88 -9.92 -9.32
CA VAL A 68 -3.38 -9.84 -10.73
C VAL A 68 -3.12 -8.38 -11.13
N ASP A 69 -3.78 -7.45 -10.50
CA ASP A 69 -3.57 -6.01 -10.85
C ASP A 69 -2.09 -5.67 -10.64
N VAL A 70 -1.54 -4.83 -11.47
CA VAL A 70 -0.09 -4.47 -11.31
C VAL A 70 0.20 -4.20 -9.84
N ILE A 71 1.44 -4.28 -9.44
CA ILE A 71 1.78 -4.04 -8.02
C ILE A 71 3.10 -3.25 -7.92
N THR A 72 3.19 -2.34 -7.00
CA THR A 72 4.46 -1.56 -6.85
C THR A 72 4.58 -1.05 -5.41
N ILE A 73 5.77 -0.95 -4.92
CA ILE A 73 5.98 -0.47 -3.52
C ILE A 73 7.08 0.59 -3.50
N GLY A 74 7.32 1.20 -2.36
CA GLY A 74 8.37 2.25 -2.28
C GLY A 74 8.36 2.89 -0.89
N GLY A 75 8.67 2.12 0.11
CA GLY A 75 8.68 2.68 1.49
C GLY A 75 9.94 2.19 2.21
N ASN A 76 9.84 1.14 2.95
CA ASN A 76 11.03 0.61 3.68
C ASN A 76 10.66 -0.68 4.41
N VAL A 77 11.61 -1.55 4.64
CA VAL A 77 11.30 -2.82 5.35
C VAL A 77 12.44 -3.17 6.30
N ASP A 78 12.26 -2.95 7.57
CA ASP A 78 13.34 -3.31 8.51
C ASP A 78 12.91 -4.53 9.30
N GLU A 79 13.58 -5.61 9.08
CA GLU A 79 13.26 -6.87 9.80
C GLU A 79 14.36 -7.18 10.81
N ASP A 80 14.00 -7.49 12.03
CA ASP A 80 15.04 -7.80 13.06
C ASP A 80 15.09 -9.31 13.30
N ASP A 81 14.61 -9.77 14.42
CA ASP A 81 14.64 -11.25 14.69
C ASP A 81 13.23 -11.81 14.60
N ASP A 82 12.31 -11.29 15.37
CA ASP A 82 10.91 -11.79 15.33
C ASP A 82 9.96 -10.61 15.09
N ARG A 83 10.31 -9.47 15.62
CA ARG A 83 9.45 -8.27 15.44
C ARG A 83 9.44 -7.87 13.97
N PHE A 84 8.77 -6.80 13.64
CA PHE A 84 8.74 -6.35 12.21
C PHE A 84 8.30 -4.90 12.14
N VAL A 85 9.03 -4.08 11.42
CA VAL A 85 8.63 -2.64 11.32
C VAL A 85 8.69 -2.20 9.86
N LEU A 86 7.97 -1.16 9.54
CA LEU A 86 7.99 -0.64 8.18
C LEU A 86 7.35 0.75 8.19
N GLU A 87 6.75 1.15 7.12
CA GLU A 87 6.10 2.49 7.06
C GLU A 87 4.62 2.33 6.75
N TRP A 88 3.95 3.41 6.49
CA TRP A 88 2.49 3.31 6.18
C TRP A 88 2.31 2.83 4.73
N LYS A 89 1.69 1.71 4.55
CA LYS A 89 1.48 1.18 3.17
C LYS A 89 0.03 0.71 3.01
N ASN A 90 -0.42 -0.14 3.89
CA ASN A 90 -1.82 -0.65 3.79
C ASN A 90 -2.73 0.22 4.68
N MET A 1 13.52 15.89 8.21
CA MET A 1 13.72 15.33 6.84
C MET A 1 12.38 14.84 6.30
N SER A 2 12.15 14.99 5.02
CA SER A 2 10.86 14.51 4.44
C SER A 2 10.88 12.99 4.35
N SER A 3 9.79 12.35 4.71
CA SER A 3 9.76 10.86 4.64
C SER A 3 8.46 10.41 3.99
N LEU A 4 8.46 10.25 2.69
CA LEU A 4 7.23 9.80 1.98
C LEU A 4 7.53 8.51 1.22
N VAL A 5 6.52 7.78 0.85
CA VAL A 5 6.73 6.50 0.13
C VAL A 5 5.94 6.49 -1.17
N TYR A 6 5.91 5.37 -1.84
CA TYR A 6 5.14 5.26 -3.10
C TYR A 6 4.91 3.79 -3.44
N ILE A 7 3.74 3.43 -3.87
CA ILE A 7 3.49 2.01 -4.24
C ILE A 7 2.45 2.03 -5.35
N ALA A 8 2.59 1.20 -6.35
CA ALA A 8 1.58 1.25 -7.44
C ALA A 8 1.29 -0.13 -8.00
N PHE A 9 0.03 -0.42 -8.25
CA PHE A 9 -0.30 -1.75 -8.82
C PHE A 9 -1.19 -1.55 -10.05
N GLN A 10 -1.55 -2.61 -10.73
CA GLN A 10 -2.41 -2.49 -11.92
C GLN A 10 -3.61 -3.42 -11.74
N ASP A 11 -4.70 -2.91 -11.23
CA ASP A 11 -5.89 -3.77 -11.02
C ASP A 11 -6.98 -3.42 -12.03
N ASN A 12 -7.71 -4.40 -12.50
CA ASN A 12 -8.80 -4.13 -13.47
C ASN A 12 -10.01 -3.60 -12.72
N ASP A 13 -9.96 -3.57 -11.41
CA ASP A 13 -11.11 -3.06 -10.64
C ASP A 13 -11.06 -1.53 -10.62
N ASN A 14 -11.89 -0.91 -11.40
CA ASN A 14 -11.89 0.58 -11.44
C ASN A 14 -12.35 1.10 -10.07
N ALA A 15 -12.82 0.23 -9.22
CA ALA A 15 -13.27 0.67 -7.89
C ALA A 15 -12.13 1.42 -7.19
N ARG A 16 -10.93 0.93 -7.35
CA ARG A 16 -9.77 1.60 -6.72
C ARG A 16 -9.72 3.05 -7.18
N TYR A 17 -9.91 3.29 -8.45
CA TYR A 17 -9.89 4.69 -8.97
C TYR A 17 -10.91 5.52 -8.19
N VAL A 18 -12.10 5.00 -8.00
CA VAL A 18 -13.12 5.75 -7.23
C VAL A 18 -12.54 6.15 -5.88
N VAL A 19 -12.17 5.18 -5.08
CA VAL A 19 -11.59 5.50 -3.75
C VAL A 19 -10.43 6.48 -3.95
N GLU A 20 -9.85 6.49 -5.13
CA GLU A 20 -8.72 7.42 -5.39
C GLU A 20 -9.26 8.85 -5.36
N ALA A 21 -10.26 9.14 -6.14
CA ALA A 21 -10.83 10.51 -6.13
C ALA A 21 -11.06 10.93 -4.69
N ILE A 22 -11.49 10.00 -3.86
CA ILE A 22 -11.72 10.32 -2.44
C ILE A 22 -10.40 10.78 -1.80
N ILE A 23 -9.34 10.08 -2.07
CA ILE A 23 -8.02 10.47 -1.51
C ILE A 23 -7.78 11.94 -1.77
N GLN A 24 -7.81 12.35 -3.02
CA GLN A 24 -7.60 13.78 -3.34
C GLN A 24 -8.68 14.60 -2.63
N ASP A 25 -9.83 14.01 -2.42
CA ASP A 25 -10.91 14.75 -1.72
C ASP A 25 -10.34 15.35 -0.43
N ASN A 26 -9.49 14.62 0.23
CA ASN A 26 -8.88 15.15 1.48
C ASN A 26 -7.73 16.10 1.11
N PRO A 27 -7.62 17.16 1.86
CA PRO A 27 -6.53 18.12 1.56
C PRO A 27 -5.22 17.65 2.22
N HIS A 28 -4.91 16.40 2.12
CA HIS A 28 -3.67 15.89 2.76
C HIS A 28 -3.14 14.69 1.96
N ALA A 29 -4.00 13.76 1.64
CA ALA A 29 -3.56 12.57 0.87
C ALA A 29 -3.24 12.98 -0.57
N VAL A 30 -2.19 12.45 -1.13
CA VAL A 30 -1.83 12.81 -2.53
C VAL A 30 -2.27 11.67 -3.47
N VAL A 31 -2.56 11.99 -4.71
CA VAL A 31 -2.98 10.93 -5.66
C VAL A 31 -2.15 11.04 -6.94
N GLN A 32 -2.23 10.06 -7.80
CA GLN A 32 -1.44 10.11 -9.06
C GLN A 32 -2.22 9.41 -10.18
N HIS A 33 -2.69 10.14 -11.14
CA HIS A 33 -3.46 9.52 -12.26
C HIS A 33 -2.49 8.93 -13.29
N HIS A 34 -2.65 7.69 -13.63
CA HIS A 34 -1.75 7.06 -14.64
C HIS A 34 -2.57 6.50 -15.79
N PRO A 35 -2.00 6.52 -16.96
CA PRO A 35 -2.74 5.99 -18.13
C PRO A 35 -2.51 4.49 -18.26
N ALA A 36 -2.57 3.77 -17.17
CA ALA A 36 -2.35 2.29 -17.25
C ALA A 36 -2.14 1.73 -15.83
N MET A 37 -1.59 2.52 -14.95
CA MET A 37 -1.35 2.03 -13.57
C MET A 37 -2.38 2.64 -12.63
N ILE A 38 -2.42 2.19 -11.40
CA ILE A 38 -3.40 2.73 -10.43
C ILE A 38 -2.88 2.51 -9.01
N ARG A 39 -2.76 3.53 -8.22
CA ARG A 39 -2.27 3.34 -6.84
C ARG A 39 -2.02 4.68 -6.15
N ILE A 40 -1.10 4.75 -5.20
CA ILE A 40 -0.86 6.05 -4.50
C ILE A 40 0.52 6.04 -3.81
N GLU A 41 0.78 7.03 -3.01
CA GLU A 41 2.06 7.10 -2.25
C GLU A 41 1.75 7.48 -0.80
N ALA A 42 2.74 7.74 -0.01
CA ALA A 42 2.48 8.11 1.41
C ALA A 42 3.42 9.24 1.84
N GLU A 43 3.42 9.56 3.11
CA GLU A 43 4.29 10.65 3.60
C GLU A 43 4.88 10.28 4.97
N LYS A 44 5.12 9.01 5.20
CA LYS A 44 5.69 8.60 6.52
C LYS A 44 6.16 7.15 6.48
N ARG A 45 6.03 6.43 7.55
CA ARG A 45 6.48 5.01 7.56
C ARG A 45 5.54 4.15 8.43
N LEU A 46 6.04 3.07 8.96
CA LEU A 46 5.18 2.19 9.81
C LEU A 46 6.05 1.39 10.78
N GLU A 47 5.53 1.09 11.95
CA GLU A 47 6.32 0.27 12.91
C GLU A 47 5.41 -0.77 13.56
N ILE A 48 5.89 -1.97 13.75
CA ILE A 48 5.03 -3.03 14.37
C ILE A 48 5.90 -4.14 14.95
N ARG A 49 5.40 -4.85 15.92
CA ARG A 49 6.19 -5.95 16.53
C ARG A 49 6.06 -7.22 15.70
N ARG A 50 6.46 -8.34 16.25
CA ARG A 50 6.37 -9.62 15.50
C ARG A 50 4.92 -10.07 15.41
N GLU A 51 4.11 -9.70 16.35
CA GLU A 51 2.68 -10.12 16.30
C GLU A 51 2.12 -9.82 14.90
N THR A 52 2.62 -8.81 14.26
CA THR A 52 2.13 -8.50 12.89
C THR A 52 2.51 -9.64 11.96
N VAL A 53 3.73 -10.11 12.04
CA VAL A 53 4.15 -11.23 11.18
C VAL A 53 3.08 -12.33 11.26
N GLU A 54 2.40 -12.41 12.37
CA GLU A 54 1.34 -13.44 12.51
C GLU A 54 0.15 -13.01 11.64
N GLU A 55 -0.22 -11.77 11.70
CA GLU A 55 -1.36 -11.29 10.88
C GLU A 55 -1.09 -11.60 9.40
N ASN A 56 0.05 -11.22 8.90
CA ASN A 56 0.38 -11.50 7.47
C ASN A 56 0.29 -13.00 7.20
N LEU A 57 0.72 -13.80 8.13
CA LEU A 57 0.66 -15.28 7.92
C LEU A 57 -0.79 -15.68 7.66
N GLY A 58 -1.70 -15.29 8.50
CA GLY A 58 -3.12 -15.65 8.28
C GLY A 58 -3.64 -14.96 7.01
N ARG A 59 -2.90 -13.99 6.54
CA ARG A 59 -3.33 -13.27 5.30
C ARG A 59 -2.37 -13.57 4.16
N ALA A 60 -1.64 -14.64 4.25
CA ALA A 60 -0.67 -15.00 3.17
C ALA A 60 -1.45 -15.45 1.92
N TRP A 61 -2.74 -15.59 2.03
CA TRP A 61 -3.54 -16.03 0.85
C TRP A 61 -4.05 -14.79 0.10
N ASP A 62 -3.40 -13.68 0.26
CA ASP A 62 -3.85 -12.44 -0.44
C ASP A 62 -2.85 -12.06 -1.53
N VAL A 63 -1.86 -12.88 -1.76
CA VAL A 63 -0.85 -12.54 -2.80
C VAL A 63 -1.31 -13.09 -4.15
N GLN A 64 -1.99 -14.21 -4.15
CA GLN A 64 -2.46 -14.78 -5.44
C GLN A 64 -3.26 -13.72 -6.21
N GLU A 65 -4.01 -12.93 -5.50
CA GLU A 65 -4.82 -11.87 -6.18
C GLU A 65 -3.87 -10.78 -6.71
N MET A 66 -2.78 -10.55 -6.02
CA MET A 66 -1.83 -9.51 -6.49
C MET A 66 -1.18 -9.96 -7.80
N LEU A 67 -1.33 -11.20 -8.16
CA LEU A 67 -0.72 -11.71 -9.41
C LEU A 67 -1.42 -11.09 -10.62
N VAL A 68 -2.72 -11.14 -10.66
CA VAL A 68 -3.46 -10.55 -11.83
C VAL A 68 -3.08 -9.08 -12.01
N ASP A 69 -3.01 -8.33 -10.94
CA ASP A 69 -2.66 -6.89 -11.07
C ASP A 69 -1.16 -6.69 -10.89
N VAL A 70 -0.64 -5.57 -11.30
CA VAL A 70 0.83 -5.32 -11.13
C VAL A 70 1.10 -4.85 -9.71
N ILE A 71 2.35 -4.67 -9.34
CA ILE A 71 2.66 -4.20 -7.96
C ILE A 71 3.91 -3.33 -7.97
N THR A 72 3.89 -2.24 -7.23
CA THR A 72 5.08 -1.35 -7.16
C THR A 72 5.18 -0.79 -5.74
N ILE A 73 6.36 -0.42 -5.33
CA ILE A 73 6.55 0.11 -3.96
C ILE A 73 7.62 1.20 -3.96
N GLY A 74 7.82 1.84 -2.85
CA GLY A 74 8.84 2.93 -2.76
C GLY A 74 8.89 3.44 -1.32
N GLY A 75 9.16 2.58 -0.38
CA GLY A 75 9.22 3.01 1.04
C GLY A 75 8.18 2.23 1.84
N ASN A 76 8.31 0.92 1.89
CA ASN A 76 7.35 0.09 2.65
C ASN A 76 7.81 -1.36 2.60
N VAL A 77 7.73 -2.04 3.70
CA VAL A 77 8.14 -3.47 3.71
C VAL A 77 8.01 -4.02 5.13
N ASP A 78 6.81 -4.36 5.53
CA ASP A 78 6.58 -4.89 6.91
C ASP A 78 7.57 -5.99 7.27
N GLU A 79 8.23 -6.53 6.31
CA GLU A 79 9.22 -7.59 6.63
C GLU A 79 10.63 -7.06 6.35
N ASP A 80 11.34 -6.66 7.36
CA ASP A 80 12.72 -6.13 7.15
C ASP A 80 13.75 -7.07 7.77
N ASP A 81 13.93 -6.99 9.07
CA ASP A 81 14.92 -7.88 9.74
C ASP A 81 14.20 -9.01 10.48
N ASP A 82 13.87 -8.80 11.73
CA ASP A 82 13.18 -9.87 12.49
C ASP A 82 11.80 -9.36 12.95
N ARG A 83 11.66 -8.09 13.17
CA ARG A 83 10.35 -7.55 13.60
C ARG A 83 9.51 -7.21 12.37
N PHE A 84 8.54 -6.36 12.52
CA PHE A 84 7.70 -6.00 11.34
C PHE A 84 7.67 -4.48 11.17
N VAL A 85 8.12 -3.98 10.05
CA VAL A 85 8.10 -2.51 9.84
C VAL A 85 7.80 -2.22 8.38
N LEU A 86 7.02 -1.24 8.11
CA LEU A 86 6.75 -0.90 6.71
C LEU A 86 6.45 0.58 6.62
N GLU A 87 5.74 0.98 5.63
CA GLU A 87 5.40 2.44 5.49
C GLU A 87 4.11 2.76 6.22
N TRP A 88 3.78 4.01 6.29
CA TRP A 88 2.52 4.40 6.93
C TRP A 88 1.35 4.13 5.99
N LYS A 89 0.41 3.33 6.41
CA LYS A 89 -0.76 3.03 5.53
C LYS A 89 -1.95 2.58 6.39
N ASN A 90 -1.93 2.90 7.66
CA ASN A 90 -3.07 2.49 8.54
C ASN A 90 -4.05 3.65 8.67
N MET A 1 14.28 8.74 4.66
CA MET A 1 14.58 7.69 5.67
C MET A 1 13.60 6.52 5.49
N SER A 2 12.46 6.59 6.12
CA SER A 2 11.47 5.50 5.98
C SER A 2 10.15 5.91 6.64
N SER A 3 9.57 6.99 6.19
CA SER A 3 8.30 7.45 6.80
C SER A 3 7.22 7.55 5.73
N LEU A 4 7.47 7.06 4.54
CA LEU A 4 6.45 7.15 3.48
C LEU A 4 6.47 5.89 2.61
N VAL A 5 5.43 5.70 1.84
CA VAL A 5 5.35 4.50 0.97
C VAL A 5 4.98 4.91 -0.45
N TYR A 6 5.11 4.01 -1.38
CA TYR A 6 4.73 4.33 -2.79
C TYR A 6 4.16 3.04 -3.39
N ILE A 7 3.08 3.12 -4.09
CA ILE A 7 2.49 1.89 -4.67
C ILE A 7 1.55 2.23 -5.83
N ALA A 8 1.61 1.49 -6.89
CA ALA A 8 0.66 1.74 -8.01
C ALA A 8 -0.11 0.44 -8.20
N PHE A 9 -1.18 0.44 -8.95
CA PHE A 9 -1.95 -0.81 -9.12
C PHE A 9 -2.88 -0.69 -10.33
N GLN A 10 -3.25 -1.79 -10.91
CA GLN A 10 -4.17 -1.77 -12.09
C GLN A 10 -5.41 -2.58 -11.74
N ASP A 11 -6.44 -1.92 -11.27
CA ASP A 11 -7.69 -2.65 -10.92
C ASP A 11 -8.79 -2.34 -11.93
N ASN A 12 -9.53 -3.33 -12.34
CA ASN A 12 -10.62 -3.08 -13.32
C ASN A 12 -11.83 -2.50 -12.59
N ASP A 13 -11.84 -2.57 -11.30
CA ASP A 13 -12.98 -2.01 -10.53
C ASP A 13 -12.89 -0.49 -10.57
N ASN A 14 -13.74 0.14 -11.34
CA ASN A 14 -13.70 1.63 -11.42
C ASN A 14 -13.97 2.20 -10.03
N ALA A 15 -14.43 1.37 -9.12
CA ALA A 15 -14.70 1.86 -7.75
C ALA A 15 -13.46 2.56 -7.23
N ARG A 16 -12.31 1.99 -7.46
CA ARG A 16 -11.04 2.62 -6.99
C ARG A 16 -10.95 4.03 -7.57
N TYR A 17 -11.35 4.20 -8.80
CA TYR A 17 -11.30 5.55 -9.42
C TYR A 17 -12.13 6.52 -8.59
N VAL A 18 -13.29 6.11 -8.16
CA VAL A 18 -14.14 7.01 -7.33
C VAL A 18 -13.32 7.48 -6.13
N VAL A 19 -12.75 6.57 -5.40
CA VAL A 19 -11.93 6.98 -4.22
C VAL A 19 -10.74 7.80 -4.70
N GLU A 20 -10.34 7.64 -5.93
CA GLU A 20 -9.20 8.42 -6.47
C GLU A 20 -9.67 9.86 -6.75
N ALA A 21 -10.94 10.03 -7.04
CA ALA A 21 -11.44 11.40 -7.31
C ALA A 21 -11.47 12.18 -6.00
N ILE A 22 -11.93 11.56 -4.95
CA ILE A 22 -11.96 12.26 -3.64
C ILE A 22 -10.53 12.57 -3.20
N ILE A 23 -9.66 11.60 -3.29
CA ILE A 23 -8.24 11.84 -2.89
C ILE A 23 -7.69 13.04 -3.64
N GLN A 24 -7.87 13.09 -4.94
CA GLN A 24 -7.37 14.25 -5.71
C GLN A 24 -8.07 15.51 -5.21
N ASP A 25 -9.30 15.39 -4.79
CA ASP A 25 -10.02 16.57 -4.27
C ASP A 25 -9.10 17.28 -3.30
N ASN A 26 -8.34 16.53 -2.54
CA ASN A 26 -7.39 17.15 -1.59
C ASN A 26 -6.14 17.60 -2.35
N PRO A 27 -5.71 18.80 -2.07
CA PRO A 27 -4.51 19.31 -2.77
C PRO A 27 -3.25 18.83 -2.06
N HIS A 28 -3.19 17.58 -1.71
CA HIS A 28 -1.99 17.07 -1.01
C HIS A 28 -1.77 15.59 -1.35
N ALA A 29 -2.82 14.80 -1.32
CA ALA A 29 -2.68 13.36 -1.65
C ALA A 29 -2.14 13.20 -3.09
N VAL A 30 -1.31 12.22 -3.31
CA VAL A 30 -0.76 12.02 -4.68
C VAL A 30 -1.52 10.89 -5.39
N VAL A 31 -1.81 11.05 -6.65
CA VAL A 31 -2.55 9.99 -7.39
C VAL A 31 -2.51 10.31 -8.89
N GLN A 32 -2.87 9.36 -9.72
CA GLN A 32 -2.85 9.61 -11.18
C GLN A 32 -3.95 8.77 -11.85
N HIS A 33 -3.61 7.60 -12.33
CA HIS A 33 -4.64 6.74 -12.98
C HIS A 33 -5.32 7.50 -14.12
N HIS A 34 -5.06 7.11 -15.34
CA HIS A 34 -5.71 7.83 -16.49
C HIS A 34 -5.81 6.87 -17.68
N PRO A 35 -4.68 6.43 -18.17
CA PRO A 35 -4.73 5.51 -19.32
C PRO A 35 -5.34 4.17 -18.89
N ALA A 36 -4.57 3.34 -18.24
CA ALA A 36 -5.10 2.02 -17.79
C ALA A 36 -4.53 1.70 -16.41
N MET A 37 -3.22 1.73 -16.28
CA MET A 37 -2.60 1.43 -14.96
C MET A 37 -2.86 2.60 -14.00
N ILE A 38 -2.80 2.36 -12.73
CA ILE A 38 -3.04 3.48 -11.76
C ILE A 38 -1.82 3.63 -10.84
N ARG A 39 -1.72 4.74 -10.15
CA ARG A 39 -0.55 4.94 -9.24
C ARG A 39 -1.04 5.42 -7.87
N ILE A 40 -0.23 5.20 -6.85
CA ILE A 40 -0.64 5.64 -5.49
C ILE A 40 0.64 5.91 -4.67
N GLU A 41 0.49 6.45 -3.48
CA GLU A 41 1.68 6.75 -2.64
C GLU A 41 1.22 7.56 -1.41
N ALA A 42 1.84 7.34 -0.28
CA ALA A 42 1.42 8.11 0.93
C ALA A 42 2.65 8.43 1.78
N GLU A 43 2.43 8.77 3.03
CA GLU A 43 3.57 9.09 3.93
C GLU A 43 3.27 8.51 5.31
N LYS A 44 3.53 7.25 5.54
CA LYS A 44 3.22 6.65 6.86
C LYS A 44 4.44 5.91 7.42
N ARG A 45 4.22 5.09 8.42
CA ARG A 45 5.35 4.32 9.04
C ARG A 45 4.76 3.21 9.92
N LEU A 46 5.56 2.26 10.31
CA LEU A 46 5.02 1.17 11.18
C LEU A 46 6.16 0.39 11.83
N GLU A 47 5.92 -0.14 13.00
CA GLU A 47 6.97 -0.94 13.69
C GLU A 47 6.30 -2.11 14.41
N ILE A 48 6.89 -3.27 14.38
CA ILE A 48 6.27 -4.44 15.05
C ILE A 48 7.32 -5.28 15.77
N ARG A 49 6.90 -6.13 16.66
CA ARG A 49 7.87 -6.98 17.40
C ARG A 49 7.98 -8.34 16.70
N ARG A 50 8.21 -9.39 17.44
CA ARG A 50 8.33 -10.74 16.81
C ARG A 50 6.94 -11.39 16.69
N GLU A 51 6.12 -11.23 17.70
CA GLU A 51 4.76 -11.84 17.62
C GLU A 51 4.06 -11.35 16.35
N THR A 52 4.36 -10.16 15.93
CA THR A 52 3.72 -9.65 14.69
C THR A 52 4.11 -10.55 13.53
N VAL A 53 5.34 -10.99 13.49
CA VAL A 53 5.76 -11.90 12.38
C VAL A 53 4.70 -12.98 12.24
N GLU A 54 4.07 -13.36 13.32
CA GLU A 54 3.01 -14.39 13.25
C GLU A 54 1.80 -13.75 12.58
N GLU A 55 1.45 -12.57 13.00
CA GLU A 55 0.27 -11.89 12.38
C GLU A 55 0.44 -11.86 10.85
N ASN A 56 1.54 -11.33 10.37
CA ASN A 56 1.75 -11.28 8.90
C ASN A 56 1.63 -12.70 8.32
N LEU A 57 2.07 -13.68 9.06
CA LEU A 57 1.97 -15.08 8.55
C LEU A 57 0.51 -15.39 8.21
N GLY A 58 -0.38 -15.21 9.13
CA GLY A 58 -1.82 -15.50 8.85
C GLY A 58 -2.36 -14.43 7.89
N ARG A 59 -1.61 -13.40 7.66
CA ARG A 59 -2.07 -12.33 6.73
C ARG A 59 -1.21 -12.33 5.47
N ALA A 60 -0.32 -13.28 5.34
CA ALA A 60 0.56 -13.34 4.14
C ALA A 60 -0.22 -13.94 2.97
N TRP A 61 -1.29 -14.63 3.25
CA TRP A 61 -2.09 -15.25 2.15
C TRP A 61 -3.16 -14.25 1.70
N ASP A 62 -2.94 -12.99 1.94
CA ASP A 62 -3.94 -11.96 1.51
C ASP A 62 -3.34 -11.14 0.37
N VAL A 63 -2.66 -11.78 -0.54
CA VAL A 63 -2.05 -11.04 -1.68
C VAL A 63 -3.02 -11.04 -2.86
N GLN A 64 -4.13 -11.71 -2.74
CA GLN A 64 -5.12 -11.73 -3.86
C GLN A 64 -5.38 -10.31 -4.34
N GLU A 65 -5.20 -9.34 -3.48
CA GLU A 65 -5.45 -7.94 -3.88
C GLU A 65 -4.43 -7.52 -4.95
N MET A 66 -3.18 -7.86 -4.75
CA MET A 66 -2.14 -7.49 -5.75
C MET A 66 -2.48 -8.11 -7.10
N LEU A 67 -3.37 -9.07 -7.12
CA LEU A 67 -3.75 -9.72 -8.40
C LEU A 67 -4.72 -8.82 -9.17
N VAL A 68 -5.78 -8.39 -8.54
CA VAL A 68 -6.76 -7.52 -9.23
C VAL A 68 -6.13 -6.16 -9.55
N ASP A 69 -5.60 -5.50 -8.56
CA ASP A 69 -4.97 -4.17 -8.80
C ASP A 69 -3.45 -4.34 -8.91
N VAL A 70 -2.96 -4.66 -10.07
CA VAL A 70 -1.48 -4.85 -10.24
C VAL A 70 -0.79 -3.67 -10.93
N ILE A 71 0.40 -3.31 -10.50
CA ILE A 71 1.22 -2.23 -11.16
C ILE A 71 2.54 -2.05 -10.38
N THR A 72 2.53 -1.24 -9.34
CA THR A 72 3.80 -1.03 -8.57
C THR A 72 3.57 -1.12 -7.06
N ILE A 73 4.64 -1.02 -6.30
CA ILE A 73 4.53 -1.10 -4.81
C ILE A 73 5.79 -0.48 -4.20
N GLY A 74 5.77 -0.13 -2.94
CA GLY A 74 6.97 0.50 -2.31
C GLY A 74 6.67 0.80 -0.84
N GLY A 75 5.90 -0.03 -0.20
CA GLY A 75 5.57 0.18 1.23
C GLY A 75 5.04 -1.13 1.82
N ASN A 76 5.92 -1.98 2.27
CA ASN A 76 5.47 -3.28 2.84
C ASN A 76 6.13 -3.48 4.21
N VAL A 77 6.63 -4.66 4.47
CA VAL A 77 7.27 -4.92 5.79
C VAL A 77 8.74 -5.27 5.59
N ASP A 78 9.62 -4.58 6.26
CA ASP A 78 11.07 -4.86 6.11
C ASP A 78 11.59 -5.59 7.35
N GLU A 79 12.57 -6.44 7.18
CA GLU A 79 13.14 -7.17 8.35
C GLU A 79 14.48 -6.53 8.73
N ASP A 80 14.70 -6.29 9.99
CA ASP A 80 15.98 -5.66 10.40
C ASP A 80 16.89 -6.70 11.09
N ASP A 81 16.83 -6.79 12.39
CA ASP A 81 17.69 -7.77 13.11
C ASP A 81 16.84 -8.95 13.59
N ASP A 82 16.08 -8.76 14.63
CA ASP A 82 15.23 -9.87 15.14
C ASP A 82 13.78 -9.42 15.12
N ARG A 83 13.55 -8.15 15.31
CA ARG A 83 12.16 -7.63 15.31
C ARG A 83 11.71 -7.43 13.85
N PHE A 84 10.58 -6.83 13.64
CA PHE A 84 10.11 -6.61 12.24
C PHE A 84 9.60 -5.18 12.10
N VAL A 85 9.55 -4.69 10.90
CA VAL A 85 9.05 -3.30 10.69
C VAL A 85 8.25 -3.23 9.38
N LEU A 86 7.57 -2.15 9.17
CA LEU A 86 6.78 -1.98 7.94
C LEU A 86 6.18 -0.58 7.95
N GLU A 87 5.25 -0.31 7.08
CA GLU A 87 4.64 1.04 7.06
C GLU A 87 3.14 0.96 7.33
N TRP A 88 2.53 2.09 7.47
CA TRP A 88 1.07 2.10 7.76
C TRP A 88 0.30 1.66 6.51
N LYS A 89 -0.58 0.70 6.65
CA LYS A 89 -1.36 0.23 5.48
C LYS A 89 -2.81 0.72 5.58
N ASN A 90 -3.51 0.76 4.48
CA ASN A 90 -4.93 1.22 4.53
C ASN A 90 -5.82 0.09 5.02
N MET A 1 7.23 16.91 2.19
CA MET A 1 8.13 15.74 2.33
C MET A 1 8.62 15.63 3.78
N SER A 2 7.73 15.78 4.73
CA SER A 2 8.15 15.69 6.16
C SER A 2 8.01 14.25 6.64
N SER A 3 7.02 13.55 6.15
CA SER A 3 6.82 12.13 6.58
C SER A 3 5.69 11.53 5.75
N LEU A 4 6.01 10.89 4.65
CA LEU A 4 4.93 10.30 3.82
C LEU A 4 5.33 8.90 3.34
N VAL A 5 4.36 8.09 3.03
CA VAL A 5 4.64 6.71 2.56
C VAL A 5 4.22 6.59 1.10
N TYR A 6 4.32 5.42 0.54
CA TYR A 6 3.90 5.25 -0.87
C TYR A 6 3.34 3.84 -1.02
N ILE A 7 2.28 3.68 -1.74
CA ILE A 7 1.69 2.31 -1.91
C ILE A 7 1.15 2.19 -3.33
N ALA A 8 1.41 1.09 -4.01
CA ALA A 8 0.86 0.98 -5.40
C ALA A 8 0.48 -0.47 -5.70
N PHE A 9 -0.53 -0.65 -6.50
CA PHE A 9 -0.97 -2.00 -6.85
C PHE A 9 -1.25 -2.02 -8.36
N GLN A 10 -1.58 -3.14 -8.90
CA GLN A 10 -1.87 -3.20 -10.35
C GLN A 10 -3.05 -4.15 -10.58
N ASP A 11 -4.25 -3.70 -10.37
CA ASP A 11 -5.43 -4.59 -10.58
C ASP A 11 -6.22 -4.14 -11.80
N ASN A 12 -7.28 -4.84 -12.13
CA ASN A 12 -8.10 -4.45 -13.31
C ASN A 12 -9.54 -4.20 -12.87
N ASP A 13 -9.75 -4.03 -11.60
CA ASP A 13 -11.13 -3.77 -11.11
C ASP A 13 -11.42 -2.27 -11.18
N ASN A 14 -12.19 -1.86 -12.16
CA ASN A 14 -12.51 -0.41 -12.29
C ASN A 14 -13.37 0.00 -11.11
N ALA A 15 -13.81 -0.94 -10.31
CA ALA A 15 -14.66 -0.59 -9.15
C ALA A 15 -13.82 0.17 -8.13
N ARG A 16 -12.73 -0.43 -7.70
CA ARG A 16 -11.86 0.26 -6.72
C ARG A 16 -11.38 1.58 -7.34
N TYR A 17 -11.28 1.62 -8.64
CA TYR A 17 -10.83 2.87 -9.31
C TYR A 17 -11.82 3.99 -8.98
N VAL A 18 -13.08 3.73 -9.15
CA VAL A 18 -14.10 4.78 -8.83
C VAL A 18 -13.87 5.23 -7.39
N VAL A 19 -13.90 4.32 -6.47
CA VAL A 19 -13.68 4.70 -5.04
C VAL A 19 -12.42 5.56 -4.97
N GLU A 20 -11.48 5.32 -5.86
CA GLU A 20 -10.23 6.12 -5.86
C GLU A 20 -10.57 7.57 -6.25
N ALA A 21 -11.38 7.74 -7.27
CA ALA A 21 -11.75 9.12 -7.68
C ALA A 21 -12.24 9.88 -6.46
N ILE A 22 -13.00 9.24 -5.62
CA ILE A 22 -13.50 9.92 -4.39
C ILE A 22 -12.31 10.24 -3.48
N ILE A 23 -11.40 9.32 -3.33
CA ILE A 23 -10.21 9.59 -2.46
C ILE A 23 -9.56 10.90 -2.92
N GLN A 24 -9.41 11.09 -4.20
CA GLN A 24 -8.80 12.34 -4.69
C GLN A 24 -9.76 13.49 -4.38
N ASP A 25 -11.04 13.23 -4.39
CA ASP A 25 -12.01 14.29 -4.06
C ASP A 25 -11.59 14.92 -2.73
N ASN A 26 -10.88 14.16 -1.94
CA ASN A 26 -10.40 14.69 -0.63
C ASN A 26 -9.11 15.48 -0.87
N PRO A 27 -9.04 16.63 -0.25
CA PRO A 27 -7.82 17.46 -0.42
C PRO A 27 -6.74 17.00 0.56
N HIS A 28 -6.51 15.72 0.65
CA HIS A 28 -5.48 15.20 1.58
C HIS A 28 -4.85 13.95 0.98
N ALA A 29 -5.63 13.11 0.37
CA ALA A 29 -5.09 11.87 -0.24
C ALA A 29 -4.32 12.22 -1.52
N VAL A 30 -3.21 11.58 -1.76
CA VAL A 30 -2.44 11.89 -2.99
C VAL A 30 -3.19 11.33 -4.21
N VAL A 31 -2.58 10.44 -4.96
CA VAL A 31 -3.30 9.89 -6.15
C VAL A 31 -2.47 8.77 -6.78
N GLN A 32 -2.80 8.38 -7.99
CA GLN A 32 -2.02 7.30 -8.67
C GLN A 32 -1.30 7.88 -9.90
N HIS A 33 -0.78 7.03 -10.74
CA HIS A 33 -0.05 7.52 -11.94
C HIS A 33 -1.03 7.72 -13.11
N HIS A 34 -1.08 6.78 -14.02
CA HIS A 34 -2.03 6.93 -15.17
C HIS A 34 -2.19 5.60 -15.92
N PRO A 35 -1.09 5.07 -16.42
CA PRO A 35 -1.22 3.79 -17.16
C PRO A 35 -2.03 2.77 -16.33
N ALA A 36 -2.21 1.59 -16.85
CA ALA A 36 -2.98 0.55 -16.12
C ALA A 36 -2.43 0.39 -14.71
N MET A 37 -1.21 0.76 -14.47
CA MET A 37 -0.63 0.61 -13.11
C MET A 37 -1.37 1.53 -12.15
N ILE A 38 -1.37 1.23 -10.88
CA ILE A 38 -2.08 2.09 -9.91
C ILE A 38 -1.11 2.46 -8.79
N ARG A 39 -1.01 3.72 -8.47
CA ARG A 39 -0.06 4.13 -7.39
C ARG A 39 -0.80 4.96 -6.34
N ILE A 40 -0.20 5.14 -5.19
CA ILE A 40 -0.87 5.95 -4.13
C ILE A 40 0.19 6.50 -3.17
N GLU A 41 -0.16 7.40 -2.29
CA GLU A 41 0.86 7.95 -1.36
C GLU A 41 0.17 8.49 -0.09
N ALA A 42 0.88 8.51 1.01
CA ALA A 42 0.29 9.02 2.28
C ALA A 42 1.27 10.02 2.91
N GLU A 43 0.95 10.55 4.06
CA GLU A 43 1.86 11.54 4.70
C GLU A 43 1.94 11.29 6.21
N LYS A 44 2.64 10.26 6.65
CA LYS A 44 2.73 10.01 8.11
C LYS A 44 3.48 8.71 8.38
N ARG A 45 3.05 7.94 9.35
CA ARG A 45 3.75 6.68 9.66
C ARG A 45 2.76 5.51 9.64
N LEU A 46 3.26 4.30 9.66
CA LEU A 46 2.36 3.12 9.63
C LEU A 46 2.76 2.13 10.73
N GLU A 47 1.82 1.35 11.21
CA GLU A 47 2.14 0.37 12.28
C GLU A 47 1.40 -0.95 12.01
N ILE A 48 1.91 -2.04 12.51
CA ILE A 48 1.23 -3.35 12.27
C ILE A 48 1.51 -4.30 13.44
N ARG A 49 0.53 -5.05 13.85
CA ARG A 49 0.73 -6.01 14.98
C ARG A 49 0.94 -7.41 14.43
N ARG A 50 0.97 -8.40 15.29
CA ARG A 50 1.17 -9.80 14.80
C ARG A 50 -0.14 -10.30 14.20
N GLU A 51 -1.26 -9.87 14.71
CA GLU A 51 -2.56 -10.31 14.16
C GLU A 51 -2.56 -10.12 12.64
N THR A 52 -2.03 -9.03 12.17
CA THR A 52 -1.99 -8.80 10.70
C THR A 52 -1.01 -9.79 10.07
N VAL A 53 0.17 -9.91 10.63
CA VAL A 53 1.15 -10.86 10.06
C VAL A 53 0.45 -12.21 9.88
N GLU A 54 -0.56 -12.46 10.67
CA GLU A 54 -1.30 -13.73 10.54
C GLU A 54 -2.20 -13.65 9.29
N GLU A 55 -2.84 -12.54 9.09
CA GLU A 55 -3.70 -12.40 7.89
C GLU A 55 -2.87 -12.67 6.64
N ASN A 56 -1.74 -12.03 6.54
CA ASN A 56 -0.85 -12.26 5.36
C ASN A 56 -0.46 -13.73 5.31
N LEU A 57 -0.30 -14.35 6.45
CA LEU A 57 0.07 -15.80 6.46
C LEU A 57 -0.98 -16.59 5.68
N GLY A 58 -2.23 -16.42 6.01
CA GLY A 58 -3.30 -17.15 5.28
C GLY A 58 -3.36 -16.62 3.85
N ARG A 59 -2.74 -15.48 3.61
CA ARG A 59 -2.75 -14.89 2.23
C ARG A 59 -1.33 -14.93 1.66
N ALA A 60 -0.46 -15.69 2.26
CA ALA A 60 0.93 -15.77 1.77
C ALA A 60 0.96 -16.45 0.40
N TRP A 61 -0.09 -17.17 0.07
CA TRP A 61 -0.14 -17.85 -1.24
C TRP A 61 -0.77 -16.92 -2.28
N ASP A 62 -0.50 -15.65 -2.18
CA ASP A 62 -1.09 -14.69 -3.16
C ASP A 62 0.00 -14.23 -4.13
N VAL A 63 1.17 -14.81 -4.05
CA VAL A 63 2.27 -14.41 -4.98
C VAL A 63 1.77 -14.48 -6.42
N GLN A 64 1.00 -15.49 -6.76
CA GLN A 64 0.49 -15.60 -8.15
C GLN A 64 -0.19 -14.27 -8.54
N GLU A 65 -0.93 -13.70 -7.64
CA GLU A 65 -1.61 -12.41 -7.95
C GLU A 65 -0.57 -11.29 -7.98
N MET A 66 0.48 -11.44 -7.24
CA MET A 66 1.54 -10.38 -7.23
C MET A 66 2.31 -10.42 -8.55
N LEU A 67 2.11 -11.45 -9.33
CA LEU A 67 2.83 -11.56 -10.62
C LEU A 67 2.21 -10.59 -11.64
N VAL A 68 0.94 -10.71 -11.90
CA VAL A 68 0.30 -9.80 -12.89
C VAL A 68 -0.24 -8.55 -12.18
N ASP A 69 -0.92 -8.71 -11.08
CA ASP A 69 -1.47 -7.51 -10.38
C ASP A 69 -0.60 -7.18 -9.15
N VAL A 70 -0.47 -5.93 -8.84
CA VAL A 70 0.35 -5.52 -7.66
C VAL A 70 -0.61 -5.22 -6.49
N ILE A 71 -0.12 -4.76 -5.36
CA ILE A 71 -1.05 -4.50 -4.22
C ILE A 71 -0.76 -3.16 -3.52
N THR A 72 0.48 -2.78 -3.38
CA THR A 72 0.79 -1.51 -2.67
C THR A 72 2.32 -1.43 -2.44
N ILE A 73 2.77 -0.80 -1.38
CA ILE A 73 4.24 -0.70 -1.08
C ILE A 73 4.40 0.16 0.18
N GLY A 74 5.23 1.15 0.19
CA GLY A 74 5.35 1.99 1.41
C GLY A 74 6.59 2.88 1.30
N GLY A 75 7.60 2.59 2.05
CA GLY A 75 8.84 3.42 2.01
C GLY A 75 10.01 2.61 2.59
N ASN A 76 9.95 2.29 3.86
CA ASN A 76 11.06 1.50 4.47
C ASN A 76 10.47 0.26 5.12
N VAL A 77 11.04 -0.21 6.20
CA VAL A 77 10.47 -1.40 6.87
C VAL A 77 11.32 -1.78 8.09
N ASP A 78 10.95 -1.30 9.25
CA ASP A 78 11.74 -1.62 10.47
C ASP A 78 10.94 -2.61 11.33
N GLU A 79 11.58 -3.63 11.83
CA GLU A 79 10.85 -4.62 12.68
C GLU A 79 11.45 -4.64 14.07
N ASP A 80 10.70 -5.05 15.06
CA ASP A 80 11.23 -5.09 16.45
C ASP A 80 11.41 -6.54 16.89
N ASP A 81 10.45 -7.11 17.56
CA ASP A 81 10.57 -8.52 18.01
C ASP A 81 9.68 -9.41 17.15
N ASP A 82 8.39 -9.30 17.31
CA ASP A 82 7.46 -10.13 16.49
C ASP A 82 6.46 -9.22 15.77
N ARG A 83 6.49 -7.95 16.07
CA ARG A 83 5.55 -7.00 15.42
C ARG A 83 6.20 -6.43 14.15
N PHE A 84 5.59 -5.44 13.55
CA PHE A 84 6.18 -4.85 12.32
C PHE A 84 5.70 -3.40 12.17
N VAL A 85 6.60 -2.47 12.11
CA VAL A 85 6.18 -1.04 11.97
C VAL A 85 6.99 -0.37 10.87
N LEU A 86 6.36 0.45 10.08
CA LEU A 86 7.08 1.17 8.99
C LEU A 86 6.37 2.51 8.76
N GLU A 87 7.11 3.56 8.60
CA GLU A 87 6.50 4.90 8.40
C GLU A 87 6.97 5.47 7.07
N TRP A 88 7.08 6.78 6.98
CA TRP A 88 7.56 7.39 5.73
C TRP A 88 8.80 6.63 5.26
N LYS A 89 9.97 7.06 5.67
CA LYS A 89 11.21 6.36 5.25
C LYS A 89 12.21 6.33 6.42
N ASN A 90 12.29 7.39 7.17
CA ASN A 90 13.24 7.41 8.32
C ASN A 90 12.59 6.74 9.54
N MET A 1 15.26 8.28 6.38
CA MET A 1 14.82 7.58 5.14
C MET A 1 13.69 6.62 5.48
N SER A 2 13.25 5.84 4.53
CA SER A 2 12.15 4.88 4.80
C SER A 2 11.06 5.58 5.61
N SER A 3 10.64 6.74 5.18
CA SER A 3 9.57 7.47 5.93
C SER A 3 8.37 7.70 5.02
N LEU A 4 8.45 7.31 3.78
CA LEU A 4 7.30 7.52 2.87
C LEU A 4 6.89 6.21 2.21
N VAL A 5 5.67 6.14 1.75
CA VAL A 5 5.19 4.89 1.11
C VAL A 5 4.78 5.15 -0.33
N TYR A 6 4.50 4.10 -1.07
CA TYR A 6 4.08 4.27 -2.48
C TYR A 6 2.97 3.25 -2.78
N ILE A 7 1.99 3.64 -3.53
CA ILE A 7 0.87 2.70 -3.86
C ILE A 7 0.19 3.21 -5.12
N ALA A 8 -0.41 2.35 -5.90
CA ALA A 8 -1.08 2.84 -7.13
C ALA A 8 -2.32 2.02 -7.43
N PHE A 9 -2.92 2.26 -8.55
CA PHE A 9 -4.13 1.48 -8.90
C PHE A 9 -4.16 1.13 -10.38
N GLN A 10 -5.10 0.29 -10.72
CA GLN A 10 -5.26 -0.16 -12.14
C GLN A 10 -6.37 -1.22 -12.23
N ASP A 11 -7.50 -0.82 -12.76
CA ASP A 11 -8.65 -1.77 -12.91
C ASP A 11 -8.87 -2.10 -14.38
N ASN A 12 -10.07 -2.50 -14.72
CA ASN A 12 -10.39 -2.83 -16.13
C ASN A 12 -11.66 -2.07 -16.53
N ASP A 13 -12.75 -2.36 -15.89
CA ASP A 13 -14.02 -1.64 -16.21
C ASP A 13 -14.50 -0.90 -14.96
N ASN A 14 -13.96 -1.24 -13.82
CA ASN A 14 -14.36 -0.54 -12.57
C ASN A 14 -13.59 0.77 -12.46
N ALA A 15 -12.86 1.14 -13.48
CA ALA A 15 -12.08 2.41 -13.43
C ALA A 15 -12.95 3.50 -12.81
N ARG A 16 -14.23 3.45 -13.02
CA ARG A 16 -15.12 4.48 -12.42
C ARG A 16 -14.84 4.58 -10.92
N TYR A 17 -14.94 3.49 -10.21
CA TYR A 17 -14.67 3.53 -8.75
C TYR A 17 -13.22 3.94 -8.52
N VAL A 18 -12.34 3.59 -9.41
CA VAL A 18 -10.91 3.97 -9.24
C VAL A 18 -10.83 5.50 -9.12
N VAL A 19 -11.57 6.20 -9.92
CA VAL A 19 -11.55 7.69 -9.86
C VAL A 19 -12.21 8.12 -8.55
N GLU A 20 -13.14 7.36 -8.07
CA GLU A 20 -13.84 7.72 -6.80
C GLU A 20 -12.83 7.71 -5.66
N ALA A 21 -12.06 6.66 -5.54
CA ALA A 21 -11.05 6.60 -4.45
C ALA A 21 -10.02 7.72 -4.65
N ILE A 22 -9.64 7.96 -5.87
CA ILE A 22 -8.66 9.05 -6.14
C ILE A 22 -9.12 10.33 -5.44
N ILE A 23 -10.39 10.64 -5.51
CA ILE A 23 -10.89 11.86 -4.84
C ILE A 23 -10.82 11.66 -3.32
N GLN A 24 -11.03 10.47 -2.87
CA GLN A 24 -10.97 10.20 -1.41
C GLN A 24 -9.55 9.80 -1.02
N ASP A 25 -8.63 9.85 -1.95
CA ASP A 25 -7.22 9.47 -1.62
C ASP A 25 -6.32 10.69 -1.82
N ASN A 26 -6.82 11.72 -2.43
CA ASN A 26 -5.99 12.94 -2.67
C ASN A 26 -6.08 13.89 -1.47
N PRO A 27 -7.23 14.47 -1.27
CA PRO A 27 -7.37 15.42 -0.14
C PRO A 27 -6.66 14.86 1.10
N HIS A 28 -6.57 13.57 1.21
CA HIS A 28 -5.89 12.96 2.38
C HIS A 28 -4.45 12.60 2.00
N ALA A 29 -4.24 12.12 0.80
CA ALA A 29 -2.85 11.76 0.39
C ALA A 29 -2.29 12.84 -0.54
N VAL A 30 -1.32 12.51 -1.33
CA VAL A 30 -0.73 13.50 -2.27
C VAL A 30 -1.38 13.33 -3.65
N VAL A 31 -0.61 13.18 -4.70
CA VAL A 31 -1.24 13.00 -6.04
C VAL A 31 -0.21 12.41 -7.01
N GLN A 32 -0.64 11.52 -7.87
CA GLN A 32 0.29 10.91 -8.84
C GLN A 32 -0.49 10.03 -9.82
N HIS A 33 -0.84 10.56 -10.96
CA HIS A 33 -1.61 9.75 -11.96
C HIS A 33 -0.76 9.55 -13.20
N HIS A 34 -1.05 8.53 -13.98
CA HIS A 34 -0.26 8.28 -15.22
C HIS A 34 -1.17 8.39 -16.43
N PRO A 35 -0.67 7.95 -17.55
CA PRO A 35 -1.49 8.02 -18.78
C PRO A 35 -2.30 6.72 -18.96
N ALA A 36 -2.41 5.94 -17.92
CA ALA A 36 -3.20 4.67 -18.03
C ALA A 36 -3.62 4.23 -16.62
N MET A 37 -2.72 3.68 -15.86
CA MET A 37 -3.06 3.24 -14.48
C MET A 37 -2.95 4.44 -13.55
N ILE A 38 -3.44 4.34 -12.35
CA ILE A 38 -3.33 5.49 -11.41
C ILE A 38 -2.13 5.29 -10.49
N ARG A 39 -1.67 6.31 -9.83
CA ARG A 39 -0.49 6.14 -8.91
C ARG A 39 -0.70 6.96 -7.65
N ILE A 40 0.03 6.68 -6.60
CA ILE A 40 -0.15 7.45 -5.33
C ILE A 40 1.11 7.32 -4.47
N GLU A 41 1.23 8.17 -3.49
CA GLU A 41 2.44 8.12 -2.59
C GLU A 41 2.11 8.83 -1.28
N ALA A 42 2.93 8.65 -0.28
CA ALA A 42 2.64 9.33 1.03
C ALA A 42 3.91 9.42 1.87
N GLU A 43 3.74 9.70 3.14
CA GLU A 43 4.91 9.82 4.06
C GLU A 43 4.56 9.17 5.40
N LYS A 44 4.96 7.93 5.61
CA LYS A 44 4.62 7.26 6.89
C LYS A 44 5.78 6.38 7.36
N ARG A 45 5.51 5.49 8.29
CA ARG A 45 6.58 4.60 8.84
C ARG A 45 5.92 3.49 9.67
N LEU A 46 6.68 2.51 10.08
CA LEU A 46 6.09 1.41 10.91
C LEU A 46 7.21 0.66 11.65
N GLU A 47 6.96 0.26 12.88
CA GLU A 47 8.00 -0.48 13.63
C GLU A 47 7.36 -1.64 14.40
N ILE A 48 7.98 -2.78 14.43
CA ILE A 48 7.39 -3.94 15.16
C ILE A 48 8.50 -4.88 15.66
N ARG A 49 8.18 -5.73 16.60
CA ARG A 49 9.20 -6.67 17.14
C ARG A 49 9.04 -8.04 16.45
N ARG A 50 9.44 -9.09 17.10
CA ARG A 50 9.32 -10.44 16.49
C ARG A 50 7.84 -10.84 16.42
N GLU A 51 6.98 -10.11 17.09
CA GLU A 51 5.53 -10.45 17.05
C GLU A 51 5.00 -10.25 15.64
N THR A 52 5.77 -9.66 14.76
CA THR A 52 5.29 -9.46 13.38
C THR A 52 4.98 -10.82 12.76
N VAL A 53 5.80 -11.81 13.00
CA VAL A 53 5.52 -13.15 12.44
C VAL A 53 4.04 -13.47 12.67
N GLU A 54 3.52 -13.02 13.78
CA GLU A 54 2.08 -13.25 14.08
C GLU A 54 1.26 -12.39 13.12
N GLU A 55 1.63 -11.16 12.96
CA GLU A 55 0.89 -10.28 12.01
C GLU A 55 0.69 -11.03 10.70
N ASN A 56 1.73 -11.65 10.19
CA ASN A 56 1.60 -12.41 8.92
C ASN A 56 0.58 -13.52 9.10
N LEU A 57 0.58 -14.15 10.25
CA LEU A 57 -0.39 -15.24 10.51
C LEU A 57 -1.81 -14.72 10.27
N GLY A 58 -2.18 -13.66 10.93
CA GLY A 58 -3.55 -13.10 10.75
C GLY A 58 -3.65 -12.45 9.36
N ARG A 59 -2.54 -12.30 8.68
CA ARG A 59 -2.57 -11.67 7.34
C ARG A 59 -2.76 -12.75 6.27
N ALA A 60 -2.67 -14.00 6.65
CA ALA A 60 -2.85 -15.09 5.65
C ALA A 60 -4.07 -14.80 4.78
N TRP A 61 -5.01 -14.04 5.29
CA TRP A 61 -6.22 -13.71 4.49
C TRP A 61 -5.95 -12.46 3.65
N ASP A 62 -4.78 -12.34 3.10
CA ASP A 62 -4.45 -11.15 2.27
C ASP A 62 -4.31 -11.58 0.82
N VAL A 63 -5.41 -11.85 0.16
CA VAL A 63 -5.35 -12.28 -1.27
C VAL A 63 -5.02 -11.07 -2.16
N GLN A 64 -4.81 -9.92 -1.58
CA GLN A 64 -4.49 -8.72 -2.41
C GLN A 64 -3.37 -9.09 -3.40
N GLU A 65 -2.60 -10.09 -3.10
CA GLU A 65 -1.49 -10.49 -4.01
C GLU A 65 -2.06 -10.78 -5.41
N MET A 66 -3.10 -11.56 -5.48
CA MET A 66 -3.70 -11.87 -6.82
C MET A 66 -4.35 -10.61 -7.40
N LEU A 67 -4.59 -9.63 -6.57
CA LEU A 67 -5.21 -8.37 -7.05
C LEU A 67 -4.12 -7.32 -7.29
N VAL A 68 -2.88 -7.73 -7.26
CA VAL A 68 -1.75 -6.78 -7.46
C VAL A 68 -2.10 -5.75 -8.54
N ASP A 69 -3.00 -6.04 -9.44
CA ASP A 69 -3.34 -5.05 -10.50
C ASP A 69 -3.83 -3.77 -9.85
N VAL A 70 -5.14 -3.61 -9.83
CA VAL A 70 -5.75 -2.42 -9.29
C VAL A 70 -5.11 -1.97 -8.00
N ILE A 71 -4.30 -2.76 -7.37
CA ILE A 71 -3.69 -2.29 -6.10
C ILE A 71 -2.16 -2.36 -6.19
N THR A 72 -1.50 -1.30 -5.82
CA THR A 72 -0.01 -1.26 -5.86
C THR A 72 0.50 -0.76 -4.51
N ILE A 73 1.66 -1.20 -4.12
CA ILE A 73 2.21 -0.76 -2.81
C ILE A 73 3.68 -0.34 -2.95
N GLY A 74 4.24 0.17 -1.90
CA GLY A 74 5.65 0.63 -1.92
C GLY A 74 5.99 1.20 -0.55
N GLY A 75 5.50 0.57 0.48
CA GLY A 75 5.77 1.04 1.87
C GLY A 75 5.70 -0.16 2.81
N ASN A 76 6.77 -0.90 2.91
CA ASN A 76 6.78 -2.10 3.79
C ASN A 76 8.19 -2.68 3.75
N VAL A 77 8.70 -3.09 4.87
CA VAL A 77 10.06 -3.67 4.87
C VAL A 77 10.35 -4.28 6.25
N ASP A 78 9.47 -5.13 6.71
CA ASP A 78 9.63 -5.76 8.05
C ASP A 78 11.01 -6.36 8.27
N GLU A 79 11.81 -6.43 7.27
CA GLU A 79 13.16 -7.00 7.48
C GLU A 79 14.21 -5.90 7.34
N ASP A 80 14.61 -5.31 8.45
CA ASP A 80 15.63 -4.23 8.39
C ASP A 80 16.96 -4.77 8.93
N ASP A 81 17.12 -4.78 10.22
CA ASP A 81 18.37 -5.31 10.82
C ASP A 81 18.11 -6.70 11.39
N ASP A 82 17.58 -6.78 12.58
CA ASP A 82 17.30 -8.11 13.19
C ASP A 82 15.85 -8.14 13.68
N ARG A 83 15.31 -7.01 14.07
CA ARG A 83 13.91 -6.97 14.54
C ARG A 83 13.00 -6.93 13.32
N PHE A 84 11.79 -6.46 13.44
CA PHE A 84 10.90 -6.40 12.25
C PHE A 84 10.38 -4.98 12.09
N VAL A 85 10.78 -4.29 11.06
CA VAL A 85 10.29 -2.89 10.89
C VAL A 85 9.74 -2.71 9.49
N LEU A 86 8.67 -2.03 9.35
CA LEU A 86 8.12 -1.81 7.99
C LEU A 86 7.53 -0.41 7.94
N GLU A 87 6.95 -0.08 6.84
CA GLU A 87 6.36 1.29 6.72
C GLU A 87 4.84 1.24 6.91
N TRP A 88 4.24 2.38 6.99
CA TRP A 88 2.77 2.44 7.21
C TRP A 88 2.04 2.01 5.94
N LYS A 89 1.92 0.74 5.70
CA LYS A 89 1.22 0.25 4.48
C LYS A 89 1.32 -1.27 4.40
N ASN A 90 0.28 -1.94 4.00
CA ASN A 90 0.32 -3.42 3.91
C ASN A 90 1.17 -3.83 2.69
N MET A 1 9.86 13.17 11.16
CA MET A 1 8.80 12.67 10.24
C MET A 1 8.00 13.86 9.70
N SER A 2 7.31 13.68 8.60
CA SER A 2 6.51 14.80 8.03
C SER A 2 5.80 14.32 6.77
N SER A 3 4.50 14.42 6.73
CA SER A 3 3.74 13.96 5.53
C SER A 3 3.86 12.43 5.42
N LEU A 4 2.84 11.70 5.82
CA LEU A 4 2.95 10.23 5.73
C LEU A 4 1.63 9.57 5.32
N VAL A 5 1.74 8.36 4.86
CA VAL A 5 0.55 7.56 4.41
C VAL A 5 0.41 6.39 5.38
N TYR A 6 -0.53 5.53 5.12
CA TYR A 6 -0.71 4.37 6.01
C TYR A 6 -1.48 3.31 5.24
N ILE A 7 -1.20 2.06 5.45
CA ILE A 7 -1.95 1.02 4.72
C ILE A 7 -1.79 -0.28 5.47
N ALA A 8 -2.83 -1.05 5.63
CA ALA A 8 -2.63 -2.32 6.38
C ALA A 8 -3.27 -3.46 5.62
N PHE A 9 -2.69 -4.62 5.70
CA PHE A 9 -3.24 -5.77 4.97
C PHE A 9 -3.13 -7.02 5.83
N GLN A 10 -3.74 -8.09 5.42
CA GLN A 10 -3.61 -9.33 6.24
C GLN A 10 -2.95 -10.44 5.38
N ASP A 11 -2.13 -11.26 5.99
CA ASP A 11 -1.45 -12.33 5.21
C ASP A 11 -2.03 -13.69 5.60
N ASN A 12 -1.96 -14.65 4.71
CA ASN A 12 -2.49 -15.99 5.00
C ASN A 12 -1.39 -16.84 5.63
N ASP A 13 -0.19 -16.68 5.17
CA ASP A 13 0.96 -17.48 5.72
C ASP A 13 2.15 -17.28 4.80
N ASN A 14 1.91 -17.15 3.52
CA ASN A 14 3.01 -16.94 2.56
C ASN A 14 3.04 -15.46 2.15
N ALA A 15 1.90 -14.82 2.15
CA ALA A 15 1.85 -13.39 1.78
C ALA A 15 2.86 -12.61 2.62
N ARG A 16 3.26 -13.16 3.73
CA ARG A 16 4.26 -12.47 4.59
C ARG A 16 5.58 -12.36 3.85
N TYR A 17 6.12 -13.45 3.40
CA TYR A 17 7.41 -13.41 2.66
C TYR A 17 7.26 -12.49 1.45
N VAL A 18 6.15 -12.53 0.79
CA VAL A 18 5.95 -11.64 -0.39
C VAL A 18 6.16 -10.20 0.05
N VAL A 19 5.53 -9.80 1.13
CA VAL A 19 5.69 -8.41 1.63
C VAL A 19 7.12 -8.23 2.13
N GLU A 20 7.80 -9.30 2.40
CA GLU A 20 9.19 -9.20 2.91
C GLU A 20 10.14 -8.86 1.75
N ALA A 21 9.89 -9.39 0.59
CA ALA A 21 10.78 -9.09 -0.57
C ALA A 21 10.51 -7.66 -1.04
N ILE A 22 9.28 -7.23 -1.00
CA ILE A 22 8.96 -5.84 -1.46
C ILE A 22 9.50 -4.85 -0.43
N ILE A 23 9.22 -5.06 0.83
CA ILE A 23 9.73 -4.13 1.87
C ILE A 23 11.26 -4.06 1.77
N GLN A 24 11.89 -5.18 1.53
CA GLN A 24 13.37 -5.18 1.42
C GLN A 24 13.78 -4.30 0.24
N ASP A 25 13.10 -4.43 -0.87
CA ASP A 25 13.45 -3.57 -2.04
C ASP A 25 13.69 -2.16 -1.55
N ASN A 26 12.94 -1.74 -0.58
CA ASN A 26 13.12 -0.38 -0.01
C ASN A 26 13.52 -0.52 1.45
N PRO A 27 14.82 -0.63 1.66
CA PRO A 27 15.31 -0.79 3.05
C PRO A 27 15.04 0.48 3.86
N HIS A 28 13.83 0.60 4.36
CA HIS A 28 13.47 1.80 5.14
C HIS A 28 12.00 1.68 5.57
N ALA A 29 11.16 1.25 4.67
CA ALA A 29 9.72 1.11 5.00
C ALA A 29 9.55 0.53 6.40
N VAL A 30 8.59 1.01 7.14
CA VAL A 30 8.37 0.49 8.52
C VAL A 30 7.25 -0.56 8.50
N VAL A 31 7.12 -1.32 9.56
CA VAL A 31 6.05 -2.35 9.60
C VAL A 31 5.69 -2.67 11.05
N GLN A 32 4.58 -3.29 11.28
CA GLN A 32 4.18 -3.63 12.68
C GLN A 32 2.91 -4.47 12.66
N HIS A 33 2.81 -5.44 13.53
CA HIS A 33 1.60 -6.30 13.57
C HIS A 33 1.29 -6.65 15.03
N HIS A 34 0.07 -7.07 15.30
CA HIS A 34 -0.28 -7.42 16.71
C HIS A 34 -1.49 -8.36 16.71
N PRO A 35 -2.59 -7.88 16.21
CA PRO A 35 -3.80 -8.74 16.19
C PRO A 35 -3.59 -9.92 15.23
N ALA A 36 -3.24 -9.63 14.00
CA ALA A 36 -3.00 -10.73 13.01
C ALA A 36 -2.55 -10.12 11.69
N MET A 37 -3.33 -9.22 11.15
CA MET A 37 -2.94 -8.57 9.87
C MET A 37 -1.74 -7.67 10.12
N ILE A 38 -0.98 -7.34 9.11
CA ILE A 38 0.21 -6.47 9.34
C ILE A 38 -0.03 -5.09 8.70
N ARG A 39 0.00 -4.05 9.50
CA ARG A 39 -0.24 -2.68 8.95
C ARG A 39 1.04 -2.13 8.32
N ILE A 40 0.98 -0.95 7.76
CA ILE A 40 2.19 -0.36 7.13
C ILE A 40 2.09 1.17 7.16
N GLU A 41 3.01 1.87 6.55
CA GLU A 41 2.95 3.36 6.57
C GLU A 41 3.99 3.97 5.63
N ALA A 42 3.76 5.20 5.22
CA ALA A 42 4.71 5.89 4.31
C ALA A 42 5.04 7.27 4.88
N GLU A 43 5.79 8.07 4.17
CA GLU A 43 6.15 9.42 4.69
C GLU A 43 6.37 10.39 3.54
N LYS A 44 5.32 10.78 2.83
CA LYS A 44 5.52 11.72 1.70
C LYS A 44 4.19 11.88 0.95
N ARG A 45 4.22 12.01 -0.34
CA ARG A 45 2.96 12.18 -1.11
C ARG A 45 2.88 11.12 -2.20
N LEU A 46 1.70 10.78 -2.62
CA LEU A 46 1.57 9.75 -3.68
C LEU A 46 0.40 10.08 -4.60
N GLU A 47 0.61 9.95 -5.89
CA GLU A 47 -0.47 10.23 -6.90
C GLU A 47 -0.22 9.35 -8.13
N ILE A 48 -1.25 8.73 -8.67
CA ILE A 48 -1.04 7.86 -9.86
C ILE A 48 -2.18 8.12 -10.85
N ARG A 49 -1.94 7.92 -12.12
CA ARG A 49 -3.03 8.14 -13.12
C ARG A 49 -4.28 7.39 -12.67
N ARG A 50 -5.43 7.91 -12.97
CA ARG A 50 -6.69 7.22 -12.54
C ARG A 50 -7.12 6.23 -13.63
N GLU A 51 -7.38 6.71 -14.81
CA GLU A 51 -7.82 5.80 -15.91
C GLU A 51 -6.80 4.68 -16.08
N THR A 52 -5.54 5.00 -16.08
CA THR A 52 -4.51 3.95 -16.25
C THR A 52 -4.49 3.05 -15.01
N VAL A 53 -4.41 3.63 -13.84
CA VAL A 53 -4.40 2.79 -12.61
C VAL A 53 -5.66 1.90 -12.63
N GLU A 54 -6.65 2.29 -13.38
CA GLU A 54 -7.89 1.48 -13.46
C GLU A 54 -7.60 0.26 -14.34
N GLU A 55 -6.87 0.45 -15.41
CA GLU A 55 -6.55 -0.71 -16.29
C GLU A 55 -5.61 -1.67 -15.55
N ASN A 56 -4.49 -1.18 -15.09
CA ASN A 56 -3.54 -2.07 -14.37
C ASN A 56 -4.27 -2.74 -13.20
N LEU A 57 -5.26 -2.08 -12.65
CA LEU A 57 -6.01 -2.68 -11.51
C LEU A 57 -6.73 -3.95 -11.97
N GLY A 58 -7.55 -3.84 -12.98
CA GLY A 58 -8.29 -5.04 -13.47
C GLY A 58 -7.41 -5.83 -14.44
N ARG A 59 -6.16 -5.46 -14.56
CA ARG A 59 -5.26 -6.18 -15.50
C ARG A 59 -4.41 -7.19 -14.73
N ALA A 60 -3.31 -6.76 -14.18
CA ALA A 60 -2.43 -7.71 -13.42
C ALA A 60 -2.76 -7.63 -11.93
N TRP A 61 -3.33 -6.53 -11.50
CA TRP A 61 -3.68 -6.39 -10.06
C TRP A 61 -5.09 -6.92 -9.83
N ASP A 62 -5.54 -7.82 -10.67
CA ASP A 62 -6.92 -8.38 -10.50
C ASP A 62 -6.87 -9.55 -9.52
N VAL A 63 -6.16 -9.41 -8.44
CA VAL A 63 -6.05 -10.51 -7.45
C VAL A 63 -7.03 -10.26 -6.30
N GLN A 64 -7.89 -9.29 -6.45
CA GLN A 64 -8.87 -8.98 -5.37
C GLN A 64 -9.40 -10.28 -4.74
N GLU A 65 -9.43 -11.34 -5.51
CA GLU A 65 -9.94 -12.63 -4.96
C GLU A 65 -9.09 -13.03 -3.76
N MET A 66 -7.80 -13.12 -3.92
CA MET A 66 -6.92 -13.51 -2.78
C MET A 66 -6.84 -12.34 -1.79
N LEU A 67 -7.35 -11.20 -2.16
CA LEU A 67 -7.30 -10.02 -1.25
C LEU A 67 -7.90 -10.37 0.11
N VAL A 68 -8.63 -11.45 0.20
CA VAL A 68 -9.24 -11.83 1.51
C VAL A 68 -8.25 -11.58 2.64
N ASP A 69 -7.01 -11.92 2.44
CA ASP A 69 -5.99 -11.71 3.50
C ASP A 69 -5.50 -10.24 3.46
N VAL A 70 -4.69 -9.92 2.48
CA VAL A 70 -4.11 -8.53 2.35
C VAL A 70 -5.18 -7.46 2.59
N ILE A 71 -4.86 -6.21 2.32
CA ILE A 71 -5.80 -5.06 2.54
C ILE A 71 -4.88 -3.82 2.55
N THR A 72 -5.31 -2.65 2.96
CA THR A 72 -4.41 -1.47 2.99
C THR A 72 -5.16 -0.29 3.62
N ILE A 73 -4.75 0.92 3.37
CA ILE A 73 -5.44 2.15 3.89
C ILE A 73 -4.83 3.34 3.15
N GLY A 74 -4.36 4.34 3.83
CA GLY A 74 -3.72 5.48 3.12
C GLY A 74 -3.65 6.71 4.02
N GLY A 75 -4.77 7.31 4.24
CA GLY A 75 -4.84 8.54 5.08
C GLY A 75 -5.86 9.49 4.44
N ASN A 76 -5.89 9.55 3.14
CA ASN A 76 -6.87 10.44 2.44
C ASN A 76 -6.73 10.23 0.92
N VAL A 77 -6.99 11.25 0.14
CA VAL A 77 -6.86 11.10 -1.33
C VAL A 77 -6.50 12.46 -1.95
N ASP A 78 -5.25 12.67 -2.28
CA ASP A 78 -4.83 13.96 -2.86
C ASP A 78 -4.36 13.78 -4.31
N GLU A 79 -4.53 14.79 -5.12
CA GLU A 79 -4.08 14.69 -6.55
C GLU A 79 -3.00 15.75 -6.81
N ASP A 80 -2.28 15.63 -7.89
CA ASP A 80 -1.23 16.63 -8.19
C ASP A 80 -1.59 17.42 -9.46
N ASP A 81 -0.81 17.29 -10.52
CA ASP A 81 -1.14 18.03 -11.76
C ASP A 81 -1.88 17.11 -12.74
N ASP A 82 -1.45 15.87 -12.86
CA ASP A 82 -2.14 14.94 -13.79
C ASP A 82 -2.43 13.64 -13.04
N ARG A 83 -1.42 13.01 -12.54
CA ARG A 83 -1.63 11.75 -11.78
C ARG A 83 -2.58 12.02 -10.62
N PHE A 84 -2.80 11.07 -9.75
CA PHE A 84 -3.71 11.32 -8.61
C PHE A 84 -3.96 10.05 -7.79
N VAL A 85 -3.62 10.10 -6.54
CA VAL A 85 -3.89 8.96 -5.62
C VAL A 85 -3.84 9.50 -4.20
N LEU A 86 -2.93 9.08 -3.40
CA LEU A 86 -2.92 9.60 -2.02
C LEU A 86 -1.53 10.06 -1.58
N GLU A 87 -1.50 11.10 -0.80
CA GLU A 87 -0.24 11.63 -0.21
C GLU A 87 -0.41 11.57 1.30
N TRP A 88 0.22 12.45 2.02
CA TRP A 88 0.03 12.44 3.50
C TRP A 88 -1.44 12.77 3.80
N LYS A 89 -1.74 14.03 3.97
CA LYS A 89 -3.15 14.44 4.25
C LYS A 89 -3.78 13.50 5.28
N ASN A 90 -3.79 13.88 6.53
CA ASN A 90 -4.38 13.00 7.57
C ASN A 90 -5.91 12.98 7.40
N MET A 1 13.49 8.56 -3.77
CA MET A 1 13.34 7.26 -3.07
C MET A 1 14.25 7.24 -1.84
N SER A 2 13.78 7.71 -0.73
CA SER A 2 14.61 7.72 0.50
C SER A 2 13.70 7.71 1.73
N SER A 3 12.75 8.61 1.78
CA SER A 3 11.82 8.64 2.95
C SER A 3 10.39 8.85 2.45
N LEU A 4 10.12 8.51 1.23
CA LEU A 4 8.74 8.69 0.70
C LEU A 4 8.24 7.38 0.09
N VAL A 5 7.16 7.44 -0.65
CA VAL A 5 6.61 6.18 -1.25
C VAL A 5 5.85 6.51 -2.54
N TYR A 6 5.64 5.53 -3.38
CA TYR A 6 4.87 5.76 -4.62
C TYR A 6 4.23 4.43 -5.01
N ILE A 7 2.99 4.42 -5.39
CA ILE A 7 2.35 3.13 -5.77
C ILE A 7 1.08 3.40 -6.57
N ALA A 8 0.86 2.66 -7.61
CA ALA A 8 -0.38 2.84 -8.39
C ALA A 8 -1.05 1.46 -8.47
N PHE A 9 -2.23 1.35 -9.01
CA PHE A 9 -2.88 0.03 -9.06
C PHE A 9 -4.11 0.11 -9.97
N GLN A 10 -4.51 -1.01 -10.52
CA GLN A 10 -5.72 -1.01 -11.39
C GLN A 10 -6.75 -1.98 -10.80
N ASP A 11 -7.65 -1.47 -10.01
CA ASP A 11 -8.68 -2.34 -9.39
C ASP A 11 -9.73 -2.75 -10.43
N ASN A 12 -10.83 -3.30 -10.01
CA ASN A 12 -11.88 -3.71 -10.98
C ASN A 12 -12.91 -2.58 -11.10
N ASP A 13 -14.13 -2.81 -10.69
CA ASP A 13 -15.16 -1.74 -10.78
C ASP A 13 -15.66 -1.43 -9.37
N ASN A 14 -15.68 -2.41 -8.51
CA ASN A 14 -16.15 -2.19 -7.12
C ASN A 14 -14.94 -2.12 -6.19
N ALA A 15 -13.92 -2.88 -6.47
CA ALA A 15 -12.70 -2.88 -5.60
C ALA A 15 -12.11 -1.46 -5.57
N ARG A 16 -12.12 -0.79 -6.69
CA ARG A 16 -11.56 0.58 -6.74
C ARG A 16 -12.38 1.48 -5.81
N TYR A 17 -13.66 1.27 -5.74
CA TYR A 17 -14.51 2.11 -4.85
C TYR A 17 -14.15 1.83 -3.39
N VAL A 18 -13.87 0.59 -3.08
CA VAL A 18 -13.51 0.24 -1.68
C VAL A 18 -12.25 1.02 -1.28
N VAL A 19 -11.21 0.94 -2.06
CA VAL A 19 -9.97 1.68 -1.72
C VAL A 19 -10.25 3.18 -1.77
N GLU A 20 -11.24 3.58 -2.51
CA GLU A 20 -11.56 5.04 -2.61
C GLU A 20 -12.14 5.53 -1.28
N ALA A 21 -12.89 4.71 -0.60
CA ALA A 21 -13.48 5.14 0.69
C ALA A 21 -12.41 5.09 1.79
N ILE A 22 -11.50 4.15 1.70
CA ILE A 22 -10.45 4.04 2.74
C ILE A 22 -9.47 5.21 2.57
N ILE A 23 -9.18 5.58 1.35
CA ILE A 23 -8.24 6.72 1.12
C ILE A 23 -8.88 8.00 1.61
N GLN A 24 -10.07 8.31 1.17
CA GLN A 24 -10.72 9.56 1.64
C GLN A 24 -10.95 9.44 3.14
N ASP A 25 -11.13 8.24 3.63
CA ASP A 25 -11.32 8.07 5.09
C ASP A 25 -10.25 8.88 5.79
N ASN A 26 -9.04 8.80 5.30
CA ASN A 26 -7.94 9.61 5.90
C ASN A 26 -7.93 10.98 5.23
N PRO A 27 -7.97 12.01 6.05
CA PRO A 27 -7.97 13.36 5.47
C PRO A 27 -6.54 13.81 5.16
N HIS A 28 -5.77 13.00 4.49
CA HIS A 28 -4.37 13.38 4.17
C HIS A 28 -3.90 12.63 2.93
N ALA A 29 -4.11 11.34 2.90
CA ALA A 29 -3.66 10.54 1.71
C ALA A 29 -3.95 11.31 0.42
N VAL A 30 -3.06 11.24 -0.53
CA VAL A 30 -3.28 11.98 -1.80
C VAL A 30 -3.84 11.02 -2.85
N VAL A 31 -4.41 11.53 -3.90
CA VAL A 31 -4.98 10.65 -4.96
C VAL A 31 -5.02 11.42 -6.29
N GLN A 32 -5.03 10.72 -7.38
CA GLN A 32 -5.06 11.42 -8.70
C GLN A 32 -5.31 10.41 -9.82
N HIS A 33 -6.55 10.07 -10.06
CA HIS A 33 -6.86 9.10 -11.13
C HIS A 33 -7.74 9.75 -12.19
N HIS A 34 -7.89 9.10 -13.33
CA HIS A 34 -8.75 9.68 -14.40
C HIS A 34 -9.08 8.58 -15.42
N PRO A 35 -8.05 7.87 -15.83
CA PRO A 35 -8.31 6.79 -16.81
C PRO A 35 -8.80 5.53 -16.07
N ALA A 36 -8.82 4.41 -16.73
CA ALA A 36 -9.28 3.16 -16.07
C ALA A 36 -8.18 2.67 -15.11
N MET A 37 -7.04 3.30 -15.13
CA MET A 37 -5.94 2.88 -14.22
C MET A 37 -5.95 3.74 -12.96
N ILE A 38 -5.49 3.21 -11.86
CA ILE A 38 -5.48 4.01 -10.60
C ILE A 38 -4.03 4.34 -10.22
N ARG A 39 -3.83 5.32 -9.39
CA ARG A 39 -2.44 5.69 -8.99
C ARG A 39 -2.45 6.27 -7.57
N ILE A 40 -1.33 6.18 -6.89
CA ILE A 40 -1.25 6.72 -5.51
C ILE A 40 0.21 7.04 -5.17
N GLU A 41 0.46 7.61 -4.03
CA GLU A 41 1.87 7.94 -3.65
C GLU A 41 1.88 8.61 -2.28
N ALA A 42 2.89 8.35 -1.49
CA ALA A 42 2.96 8.97 -0.14
C ALA A 42 4.33 9.61 0.05
N GLU A 43 4.72 9.84 1.27
CA GLU A 43 6.03 10.48 1.53
C GLU A 43 6.42 10.28 3.00
N LYS A 44 6.72 9.06 3.39
CA LYS A 44 7.10 8.82 4.81
C LYS A 44 7.87 7.51 4.93
N ARG A 45 8.00 7.00 6.12
CA ARG A 45 8.75 5.72 6.33
C ARG A 45 7.92 4.80 7.23
N LEU A 46 8.51 3.76 7.73
CA LEU A 46 7.76 2.85 8.63
C LEU A 46 8.71 1.96 9.43
N GLU A 47 8.27 1.47 10.55
CA GLU A 47 9.14 0.59 11.39
C GLU A 47 8.27 -0.45 12.09
N ILE A 48 8.71 -1.67 12.17
CA ILE A 48 7.90 -2.72 12.84
C ILE A 48 8.80 -3.76 13.51
N ARG A 49 8.30 -4.48 14.47
CA ARG A 49 9.13 -5.49 15.17
C ARG A 49 8.80 -6.88 14.62
N ARG A 50 8.97 -7.90 15.43
CA ARG A 50 8.67 -9.28 14.97
C ARG A 50 7.15 -9.46 14.81
N GLU A 51 6.39 -8.47 15.16
CA GLU A 51 4.91 -8.59 15.04
C GLU A 51 4.51 -8.54 13.56
N THR A 52 5.33 -7.96 12.73
CA THR A 52 4.98 -7.88 11.28
C THR A 52 4.92 -9.29 10.70
N VAL A 53 5.91 -10.09 10.94
CA VAL A 53 5.88 -11.47 10.39
C VAL A 53 4.55 -12.13 10.78
N GLU A 54 3.95 -11.69 11.84
CA GLU A 54 2.68 -12.27 12.28
C GLU A 54 1.56 -11.76 11.37
N GLU A 55 1.60 -10.50 11.01
CA GLU A 55 0.54 -9.95 10.12
C GLU A 55 0.62 -10.63 8.76
N ASN A 56 1.79 -10.73 8.20
CA ASN A 56 1.93 -11.38 6.88
C ASN A 56 1.35 -12.79 6.93
N LEU A 57 1.64 -13.53 7.97
CA LEU A 57 1.11 -14.91 8.08
C LEU A 57 -0.43 -14.88 8.00
N GLY A 58 -1.06 -14.11 8.84
CA GLY A 58 -2.55 -14.04 8.81
C GLY A 58 -3.01 -13.24 7.58
N ARG A 59 -2.09 -12.73 6.82
CA ARG A 59 -2.48 -11.94 5.62
C ARG A 59 -1.94 -12.62 4.36
N ALA A 60 -1.42 -13.81 4.48
CA ALA A 60 -0.87 -14.53 3.29
C ALA A 60 -1.99 -14.73 2.26
N TRP A 61 -3.22 -14.81 2.71
CA TRP A 61 -4.35 -15.01 1.75
C TRP A 61 -4.87 -13.65 1.28
N ASP A 62 -4.02 -12.65 1.24
CA ASP A 62 -4.47 -11.31 0.78
C ASP A 62 -3.84 -10.99 -0.58
N VAL A 63 -3.13 -11.91 -1.15
CA VAL A 63 -2.48 -11.66 -2.46
C VAL A 63 -3.55 -11.64 -3.56
N GLN A 64 -4.40 -12.62 -3.60
CA GLN A 64 -5.46 -12.66 -4.65
C GLN A 64 -6.17 -11.32 -4.69
N GLU A 65 -6.57 -10.80 -3.55
CA GLU A 65 -7.27 -9.50 -3.52
C GLU A 65 -6.28 -8.38 -3.84
N MET A 66 -5.03 -8.60 -3.57
CA MET A 66 -4.02 -7.54 -3.86
C MET A 66 -3.65 -7.57 -5.35
N LEU A 67 -4.04 -8.61 -6.04
CA LEU A 67 -3.70 -8.70 -7.49
C LEU A 67 -4.78 -7.96 -8.30
N VAL A 68 -5.94 -7.81 -7.74
CA VAL A 68 -7.04 -7.11 -8.48
C VAL A 68 -6.59 -5.69 -8.84
N ASP A 69 -5.80 -5.08 -7.99
CA ASP A 69 -5.32 -3.69 -8.28
C ASP A 69 -3.91 -3.75 -8.85
N VAL A 70 -3.78 -3.91 -10.13
CA VAL A 70 -2.42 -3.99 -10.76
C VAL A 70 -2.04 -2.65 -11.43
N ILE A 71 -0.80 -2.23 -11.33
CA ILE A 71 -0.38 -1.00 -12.05
C ILE A 71 1.00 -0.49 -11.57
N THR A 72 1.22 -0.27 -10.30
CA THR A 72 2.56 0.24 -9.88
C THR A 72 2.80 0.12 -8.37
N ILE A 73 4.02 0.40 -7.96
CA ILE A 73 4.39 0.34 -6.52
C ILE A 73 5.72 1.08 -6.34
N GLY A 74 6.10 1.40 -5.13
CA GLY A 74 7.38 2.14 -4.94
C GLY A 74 7.56 2.53 -3.46
N GLY A 75 7.42 1.59 -2.57
CA GLY A 75 7.61 1.90 -1.13
C GLY A 75 8.96 1.35 -0.67
N ASN A 76 8.96 0.22 -0.03
CA ASN A 76 10.24 -0.37 0.44
C ASN A 76 9.96 -1.74 1.05
N VAL A 77 10.95 -2.35 1.62
CA VAL A 77 10.73 -3.69 2.25
C VAL A 77 12.06 -4.21 2.79
N ASP A 78 12.58 -3.57 3.80
CA ASP A 78 13.90 -4.01 4.35
C ASP A 78 13.69 -4.87 5.59
N GLU A 79 14.49 -5.90 5.74
CA GLU A 79 14.37 -6.79 6.93
C GLU A 79 15.73 -6.91 7.61
N ASP A 80 15.75 -7.00 8.91
CA ASP A 80 17.07 -7.11 9.62
C ASP A 80 17.24 -8.55 10.14
N ASP A 81 17.18 -8.75 11.43
CA ASP A 81 17.35 -10.14 11.97
C ASP A 81 15.99 -10.68 12.39
N ASP A 82 15.48 -10.24 13.51
CA ASP A 82 14.15 -10.73 13.98
C ASP A 82 13.14 -9.58 13.87
N ARG A 83 13.61 -8.39 13.61
CA ARG A 83 12.69 -7.23 13.50
C ARG A 83 12.26 -7.07 12.04
N PHE A 84 11.77 -5.91 11.68
CA PHE A 84 11.34 -5.67 10.27
C PHE A 84 11.08 -4.18 10.08
N VAL A 85 11.30 -3.67 8.89
CA VAL A 85 11.05 -2.22 8.66
C VAL A 85 10.27 -2.03 7.35
N LEU A 86 9.97 -0.80 7.02
CA LEU A 86 9.21 -0.53 5.77
C LEU A 86 8.98 0.98 5.68
N GLU A 87 8.15 1.42 4.78
CA GLU A 87 7.90 2.89 4.66
C GLU A 87 6.40 3.16 4.85
N TRP A 88 5.97 4.34 4.48
CA TRP A 88 4.53 4.67 4.63
C TRP A 88 3.68 3.48 4.20
N LYS A 89 2.49 3.38 4.73
CA LYS A 89 1.60 2.23 4.36
C LYS A 89 0.47 2.74 3.46
N ASN A 90 0.00 1.92 2.56
CA ASN A 90 -1.11 2.35 1.66
C ASN A 90 -2.43 2.33 2.42
N MET A 1 15.89 8.43 0.73
CA MET A 1 16.65 7.63 1.73
C MET A 1 15.78 6.46 2.19
N SER A 2 15.16 5.77 1.27
CA SER A 2 14.30 4.61 1.67
C SER A 2 13.24 5.07 2.67
N SER A 3 12.97 6.35 2.72
CA SER A 3 11.95 6.86 3.67
C SER A 3 10.65 7.16 2.92
N LEU A 4 10.53 6.71 1.70
CA LEU A 4 9.28 6.97 0.95
C LEU A 4 8.67 5.64 0.50
N VAL A 5 7.59 5.66 -0.23
CA VAL A 5 6.98 4.38 -0.66
C VAL A 5 6.13 4.57 -1.89
N TYR A 6 5.77 3.49 -2.53
CA TYR A 6 4.91 3.61 -3.71
C TYR A 6 3.82 2.55 -3.63
N ILE A 7 2.66 2.85 -4.15
CA ILE A 7 1.54 1.87 -4.11
C ILE A 7 0.56 2.24 -5.21
N ALA A 8 0.03 1.28 -5.91
CA ALA A 8 -0.93 1.63 -6.97
C ALA A 8 -2.24 0.90 -6.76
N PHE A 9 -3.15 1.12 -7.66
CA PHE A 9 -4.43 0.40 -7.53
C PHE A 9 -4.93 0.00 -8.90
N GLN A 10 -6.06 -0.63 -8.93
CA GLN A 10 -6.61 -1.10 -10.24
C GLN A 10 -7.93 -1.86 -10.06
N ASP A 11 -9.04 -1.19 -10.27
CA ASP A 11 -10.36 -1.87 -10.11
C ASP A 11 -10.98 -2.09 -11.50
N ASN A 12 -12.02 -2.88 -11.56
CA ASN A 12 -12.68 -3.15 -12.88
C ASN A 12 -14.16 -2.81 -12.80
N ASP A 13 -14.90 -3.52 -11.99
CA ASP A 13 -16.36 -3.24 -11.87
C ASP A 13 -16.63 -2.44 -10.59
N ASN A 14 -15.86 -2.67 -9.56
CA ASN A 14 -16.06 -1.92 -8.30
C ASN A 14 -15.26 -0.62 -8.35
N ALA A 15 -14.74 -0.27 -9.50
CA ALA A 15 -13.95 0.97 -9.62
C ALA A 15 -14.83 2.17 -9.22
N ARG A 16 -16.12 1.97 -9.18
CA ARG A 16 -17.03 3.08 -8.79
C ARG A 16 -16.71 3.52 -7.36
N TYR A 17 -16.87 2.64 -6.41
CA TYR A 17 -16.57 3.02 -5.00
C TYR A 17 -15.09 3.35 -4.89
N VAL A 18 -14.26 2.69 -5.65
CA VAL A 18 -12.81 2.98 -5.60
C VAL A 18 -12.61 4.45 -5.97
N VAL A 19 -13.44 4.96 -6.83
CA VAL A 19 -13.33 6.40 -7.22
C VAL A 19 -13.93 7.24 -6.10
N GLU A 20 -14.82 6.66 -5.34
CA GLU A 20 -15.45 7.40 -4.21
C GLU A 20 -14.37 7.71 -3.18
N ALA A 21 -13.67 6.70 -2.71
CA ALA A 21 -12.60 6.95 -1.71
C ALA A 21 -11.48 7.74 -2.38
N ILE A 22 -11.11 7.36 -3.58
CA ILE A 22 -10.03 8.09 -4.29
C ILE A 22 -10.40 9.57 -4.35
N ILE A 23 -11.67 9.88 -4.39
CA ILE A 23 -12.10 11.29 -4.43
C ILE A 23 -11.81 11.94 -3.08
N GLN A 24 -12.10 11.25 -2.01
CA GLN A 24 -11.83 11.83 -0.67
C GLN A 24 -10.42 11.46 -0.21
N ASP A 25 -9.67 10.82 -1.06
CA ASP A 25 -8.27 10.44 -0.68
C ASP A 25 -7.28 11.12 -1.63
N ASN A 26 -7.77 11.68 -2.70
CA ASN A 26 -6.87 12.36 -3.67
C ASN A 26 -6.60 13.80 -3.24
N PRO A 27 -7.64 14.61 -3.26
CA PRO A 27 -7.43 16.03 -2.86
C PRO A 27 -6.51 16.11 -1.66
N HIS A 28 -6.49 15.08 -0.84
CA HIS A 28 -5.61 15.09 0.36
C HIS A 28 -4.33 14.31 0.06
N ALA A 29 -4.42 13.28 -0.75
CA ALA A 29 -3.20 12.47 -1.05
C ALA A 29 -2.67 12.83 -2.45
N VAL A 30 -1.57 12.25 -2.83
CA VAL A 30 -1.00 12.54 -4.18
C VAL A 30 -1.35 11.40 -5.13
N VAL A 31 -1.24 11.62 -6.41
CA VAL A 31 -1.59 10.53 -7.38
C VAL A 31 -1.14 10.93 -8.79
N GLN A 32 -1.13 10.00 -9.70
CA GLN A 32 -0.71 10.33 -11.09
C GLN A 32 -0.96 9.11 -11.99
N HIS A 33 -2.21 8.75 -12.19
CA HIS A 33 -2.51 7.57 -13.05
C HIS A 33 -2.97 8.06 -14.43
N HIS A 34 -3.27 7.14 -15.32
CA HIS A 34 -3.73 7.55 -16.67
C HIS A 34 -4.55 6.41 -17.30
N PRO A 35 -3.89 5.29 -17.50
CA PRO A 35 -4.63 4.15 -18.10
C PRO A 35 -5.68 3.63 -17.12
N ALA A 36 -6.24 2.49 -17.39
CA ALA A 36 -7.26 1.93 -16.46
C ALA A 36 -6.62 1.70 -15.08
N MET A 37 -5.32 1.71 -15.04
CA MET A 37 -4.63 1.49 -13.74
C MET A 37 -4.60 2.79 -12.94
N ILE A 38 -4.90 2.74 -11.67
CA ILE A 38 -4.88 3.99 -10.86
C ILE A 38 -3.75 3.90 -9.81
N ARG A 39 -2.54 4.21 -10.22
CA ARG A 39 -1.38 4.11 -9.29
C ARG A 39 -1.33 5.31 -8.34
N ILE A 40 -0.52 5.23 -7.31
CA ILE A 40 -0.40 6.35 -6.34
C ILE A 40 1.01 6.36 -5.75
N GLU A 41 1.48 7.49 -5.30
CA GLU A 41 2.86 7.53 -4.73
C GLU A 41 2.82 8.25 -3.38
N ALA A 42 3.67 7.84 -2.47
CA ALA A 42 3.70 8.49 -1.13
C ALA A 42 5.15 8.56 -0.65
N GLU A 43 5.36 8.95 0.58
CA GLU A 43 6.74 9.03 1.10
C GLU A 43 6.72 9.00 2.63
N LYS A 44 6.98 7.86 3.23
CA LYS A 44 6.95 7.81 4.73
C LYS A 44 7.69 6.58 5.25
N ARG A 45 7.21 6.01 6.33
CA ARG A 45 7.88 4.82 6.93
C ARG A 45 6.92 4.11 7.89
N LEU A 46 7.15 2.85 8.17
CA LEU A 46 6.26 2.12 9.12
C LEU A 46 7.12 1.52 10.23
N GLU A 47 6.55 0.74 11.09
CA GLU A 47 7.36 0.12 12.17
C GLU A 47 6.47 -0.78 13.03
N ILE A 48 6.96 -1.90 13.47
CA ILE A 48 6.13 -2.82 14.32
C ILE A 48 7.04 -3.77 15.08
N ARG A 49 6.48 -4.85 15.58
CA ARG A 49 7.31 -5.83 16.34
C ARG A 49 7.66 -7.00 15.43
N ARG A 50 8.19 -8.06 15.97
CA ARG A 50 8.55 -9.24 15.13
C ARG A 50 7.34 -10.15 15.03
N GLU A 51 6.70 -10.43 16.14
CA GLU A 51 5.51 -11.32 16.11
C GLU A 51 4.55 -10.85 15.02
N THR A 52 4.50 -9.57 14.77
CA THR A 52 3.59 -9.06 13.71
C THR A 52 4.13 -9.48 12.34
N VAL A 53 5.38 -9.23 12.07
CA VAL A 53 5.94 -9.64 10.76
C VAL A 53 5.53 -11.08 10.52
N GLU A 54 5.32 -11.83 11.57
CA GLU A 54 4.90 -13.25 11.42
C GLU A 54 3.43 -13.27 11.00
N GLU A 55 2.61 -12.47 11.63
CA GLU A 55 1.18 -12.44 11.26
C GLU A 55 1.05 -12.18 9.76
N ASN A 56 1.77 -11.21 9.27
CA ASN A 56 1.70 -10.91 7.81
C ASN A 56 2.16 -12.13 7.03
N LEU A 57 3.13 -12.84 7.54
CA LEU A 57 3.61 -14.07 6.83
C LEU A 57 2.44 -15.04 6.65
N GLY A 58 1.80 -15.42 7.72
CA GLY A 58 0.64 -16.36 7.61
C GLY A 58 -0.51 -15.67 6.88
N ARG A 59 -0.41 -14.38 6.69
CA ARG A 59 -1.50 -13.65 5.98
C ARG A 59 -0.97 -13.09 4.66
N ALA A 60 0.22 -13.44 4.29
CA ALA A 60 0.80 -12.92 3.01
C ALA A 60 0.06 -13.57 1.84
N TRP A 61 -0.41 -14.77 2.02
CA TRP A 61 -1.14 -15.45 0.92
C TRP A 61 -2.64 -15.13 1.02
N ASP A 62 -2.96 -13.91 1.37
CA ASP A 62 -4.40 -13.54 1.49
C ASP A 62 -4.81 -12.71 0.26
N VAL A 63 -4.60 -11.42 0.30
CA VAL A 63 -4.98 -10.57 -0.85
C VAL A 63 -3.75 -10.31 -1.73
N GLN A 64 -2.62 -10.87 -1.37
CA GLN A 64 -1.39 -10.64 -2.17
C GLN A 64 -1.68 -10.98 -3.65
N GLU A 65 -2.62 -11.86 -3.89
CA GLU A 65 -2.95 -12.22 -5.31
C GLU A 65 -3.51 -10.99 -6.01
N MET A 66 -4.36 -10.25 -5.35
CA MET A 66 -4.95 -9.03 -5.98
C MET A 66 -3.84 -8.01 -6.22
N LEU A 67 -2.68 -8.25 -5.69
CA LEU A 67 -1.54 -7.29 -5.88
C LEU A 67 -1.35 -7.02 -7.38
N VAL A 68 -1.87 -7.86 -8.22
CA VAL A 68 -1.71 -7.63 -9.69
C VAL A 68 -2.75 -6.64 -10.19
N ASP A 69 -3.93 -6.66 -9.63
CA ASP A 69 -5.00 -5.72 -10.07
C ASP A 69 -5.11 -4.52 -9.13
N VAL A 70 -6.26 -4.39 -8.52
CA VAL A 70 -6.56 -3.27 -7.66
C VAL A 70 -5.50 -2.99 -6.61
N ILE A 71 -4.47 -3.75 -6.47
CA ILE A 71 -3.49 -3.38 -5.40
C ILE A 71 -2.04 -3.38 -5.90
N THR A 72 -1.26 -2.46 -5.41
CA THR A 72 0.18 -2.37 -5.79
C THR A 72 0.95 -1.65 -4.69
N ILE A 73 2.20 -1.99 -4.49
CA ILE A 73 2.99 -1.34 -3.42
C ILE A 73 4.40 -1.04 -3.93
N GLY A 74 5.26 -0.56 -3.07
CA GLY A 74 6.66 -0.26 -3.50
C GLY A 74 7.37 0.56 -2.43
N GLY A 75 7.21 0.18 -1.19
CA GLY A 75 7.89 0.93 -0.10
C GLY A 75 9.23 0.27 0.20
N ASN A 76 9.30 -0.43 1.30
CA ASN A 76 10.57 -1.11 1.66
C ASN A 76 10.37 -1.93 2.92
N VAL A 77 11.31 -2.78 3.23
CA VAL A 77 11.19 -3.62 4.47
C VAL A 77 12.51 -3.59 5.21
N ASP A 78 12.68 -2.67 6.12
CA ASP A 78 13.97 -2.60 6.86
C ASP A 78 13.81 -3.17 8.27
N GLU A 79 14.76 -3.94 8.72
CA GLU A 79 14.67 -4.54 10.08
C GLU A 79 15.87 -4.07 10.93
N ASP A 80 15.64 -3.65 12.14
CA ASP A 80 16.75 -3.18 12.99
C ASP A 80 17.31 -4.36 13.80
N ASP A 81 16.86 -4.51 15.02
CA ASP A 81 17.37 -5.65 15.86
C ASP A 81 16.27 -6.71 15.98
N ASP A 82 15.15 -6.34 16.55
CA ASP A 82 14.03 -7.32 16.69
C ASP A 82 12.77 -6.70 16.09
N ARG A 83 12.59 -5.43 16.29
CA ARG A 83 11.40 -4.74 15.73
C ARG A 83 11.49 -4.76 14.20
N PHE A 84 10.60 -4.08 13.53
CA PHE A 84 10.64 -4.05 12.04
C PHE A 84 10.27 -2.64 11.57
N VAL A 85 10.52 -2.35 10.32
CA VAL A 85 10.18 -1.00 9.80
C VAL A 85 9.96 -1.08 8.29
N LEU A 86 9.33 -0.08 7.73
CA LEU A 86 9.10 -0.09 6.27
C LEU A 86 8.51 1.25 5.84
N GLU A 87 7.38 1.25 5.21
CA GLU A 87 6.73 2.50 4.74
C GLU A 87 5.45 2.78 5.50
N TRP A 88 4.93 3.97 5.40
CA TRP A 88 3.64 4.28 6.07
C TRP A 88 2.52 4.32 5.04
N LYS A 89 1.41 3.71 5.32
CA LYS A 89 0.27 3.72 4.36
C LYS A 89 -0.46 5.05 4.46
N ASN A 90 -0.26 5.93 3.51
CA ASN A 90 -0.95 7.24 3.56
C ASN A 90 -1.99 7.31 2.44
N MET A 1 14.11 16.35 5.83
CA MET A 1 13.37 16.82 4.62
C MET A 1 12.03 16.09 4.52
N SER A 2 11.18 16.27 5.49
CA SER A 2 9.85 15.58 5.45
C SER A 2 10.03 14.09 5.73
N SER A 3 9.08 13.28 5.37
CA SER A 3 9.20 11.82 5.62
C SER A 3 8.05 11.09 4.92
N LEU A 4 8.34 10.36 3.86
CA LEU A 4 7.26 9.64 3.17
C LEU A 4 7.81 8.45 2.38
N VAL A 5 6.93 7.52 2.07
CA VAL A 5 7.35 6.31 1.29
C VAL A 5 6.67 6.34 -0.07
N TYR A 6 7.04 5.47 -0.96
CA TYR A 6 6.38 5.46 -2.29
C TYR A 6 6.32 4.03 -2.82
N ILE A 7 5.23 3.66 -3.40
CA ILE A 7 5.09 2.28 -3.95
C ILE A 7 3.95 2.30 -4.96
N ALA A 8 3.87 1.36 -5.86
CA ALA A 8 2.74 1.41 -6.82
C ALA A 8 2.61 0.08 -7.56
N PHE A 9 1.49 -0.12 -8.20
CA PHE A 9 1.26 -1.38 -8.93
C PHE A 9 0.35 -1.07 -10.13
N GLN A 10 0.29 -1.96 -11.08
CA GLN A 10 -0.59 -1.72 -12.25
C GLN A 10 -1.51 -2.93 -12.41
N ASP A 11 -2.57 -2.99 -11.65
CA ASP A 11 -3.50 -4.15 -11.74
C ASP A 11 -4.79 -3.75 -12.46
N ASN A 12 -5.58 -4.72 -12.84
CA ASN A 12 -6.85 -4.42 -13.55
C ASN A 12 -8.02 -4.56 -12.57
N ASP A 13 -7.74 -4.79 -11.32
CA ASP A 13 -8.83 -4.93 -10.33
C ASP A 13 -9.33 -3.55 -9.95
N ASN A 14 -10.47 -3.15 -10.46
CA ASN A 14 -11.01 -1.82 -10.11
C ASN A 14 -11.37 -1.81 -8.61
N ALA A 15 -11.32 -2.96 -7.98
CA ALA A 15 -11.65 -3.00 -6.53
C ALA A 15 -10.69 -2.08 -5.78
N ARG A 16 -9.44 -2.09 -6.17
CA ARG A 16 -8.45 -1.21 -5.51
C ARG A 16 -8.82 0.25 -5.80
N TYR A 17 -9.30 0.52 -6.98
CA TYR A 17 -9.68 1.91 -7.32
C TYR A 17 -10.71 2.42 -6.31
N VAL A 18 -11.70 1.62 -6.01
CA VAL A 18 -12.72 2.05 -5.01
C VAL A 18 -12.02 2.39 -3.71
N VAL A 19 -11.29 1.46 -3.17
CA VAL A 19 -10.55 1.72 -1.90
C VAL A 19 -9.66 2.95 -2.09
N GLU A 20 -9.34 3.26 -3.32
CA GLU A 20 -8.47 4.44 -3.61
C GLU A 20 -9.29 5.73 -3.43
N ALA A 21 -10.53 5.71 -3.82
CA ALA A 21 -11.36 6.94 -3.67
C ALA A 21 -11.69 7.15 -2.19
N ILE A 22 -11.73 6.10 -1.43
CA ILE A 22 -12.03 6.24 0.02
C ILE A 22 -10.78 6.76 0.74
N ILE A 23 -9.63 6.25 0.38
CA ILE A 23 -8.38 6.72 1.06
C ILE A 23 -8.23 8.22 0.80
N GLN A 24 -8.42 8.65 -0.42
CA GLN A 24 -8.31 10.10 -0.72
C GLN A 24 -9.46 10.82 -0.02
N ASP A 25 -10.59 10.16 0.09
CA ASP A 25 -11.74 10.78 0.78
C ASP A 25 -11.24 11.35 2.11
N ASN A 26 -10.24 10.72 2.67
CA ASN A 26 -9.68 11.22 3.95
C ASN A 26 -8.76 12.40 3.67
N PRO A 27 -8.88 13.43 4.47
CA PRO A 27 -8.01 14.61 4.23
C PRO A 27 -6.65 14.40 4.90
N HIS A 28 -6.06 13.24 4.73
CA HIS A 28 -4.75 12.98 5.36
C HIS A 28 -3.95 12.00 4.51
N ALA A 29 -4.56 10.92 4.10
CA ALA A 29 -3.84 9.92 3.27
C ALA A 29 -3.37 10.58 1.97
N VAL A 30 -2.21 10.23 1.49
CA VAL A 30 -1.70 10.85 0.24
C VAL A 30 -1.93 9.87 -0.93
N VAL A 31 -2.31 10.38 -2.07
CA VAL A 31 -2.55 9.48 -3.23
C VAL A 31 -2.28 10.25 -4.53
N GLN A 32 -2.17 9.55 -5.63
CA GLN A 32 -1.92 10.25 -6.92
C GLN A 32 -2.19 9.28 -8.09
N HIS A 33 -3.43 9.15 -8.48
CA HIS A 33 -3.77 8.23 -9.60
C HIS A 33 -4.37 9.04 -10.75
N HIS A 34 -4.06 8.69 -11.96
CA HIS A 34 -4.61 9.44 -13.12
C HIS A 34 -4.50 8.59 -14.39
N PRO A 35 -3.30 8.21 -14.72
CA PRO A 35 -3.13 7.38 -15.93
C PRO A 35 -3.73 6.00 -15.70
N ALA A 36 -3.28 5.01 -16.42
CA ALA A 36 -3.82 3.63 -16.24
C ALA A 36 -3.10 2.95 -15.08
N MET A 37 -2.11 3.60 -14.51
CA MET A 37 -1.37 2.98 -13.37
C MET A 37 -2.05 3.35 -12.05
N ILE A 38 -1.67 2.72 -10.98
CA ILE A 38 -2.28 3.03 -9.66
C ILE A 38 -1.17 3.04 -8.61
N ARG A 39 -0.90 4.17 -8.00
CA ARG A 39 0.20 4.21 -7.00
C ARG A 39 -0.25 4.84 -5.68
N ILE A 40 0.57 4.72 -4.67
CA ILE A 40 0.26 5.28 -3.34
C ILE A 40 1.58 5.45 -2.56
N GLU A 41 1.62 6.32 -1.59
CA GLU A 41 2.88 6.51 -0.81
C GLU A 41 2.58 6.47 0.70
N ALA A 42 3.58 6.68 1.51
CA ALA A 42 3.34 6.66 2.99
C ALA A 42 3.95 7.93 3.60
N GLU A 43 4.41 7.88 4.82
CA GLU A 43 4.96 9.11 5.45
C GLU A 43 6.28 8.82 6.20
N LYS A 44 7.02 7.83 5.78
CA LYS A 44 8.34 7.51 6.41
C LYS A 44 8.17 6.68 7.66
N ARG A 45 7.20 6.97 8.41
CA ARG A 45 7.01 6.21 9.65
C ARG A 45 5.59 5.66 9.73
N LEU A 46 5.45 4.36 9.67
CA LEU A 46 4.10 3.75 9.71
C LEU A 46 4.17 2.47 10.55
N GLU A 47 3.13 2.17 11.29
CA GLU A 47 3.15 0.93 12.12
C GLU A 47 1.72 0.46 12.36
N ILE A 48 1.49 -0.82 12.31
CA ILE A 48 0.11 -1.36 12.54
C ILE A 48 0.21 -2.68 13.31
N ARG A 49 -0.72 -2.93 14.20
CA ARG A 49 -0.66 -4.20 14.98
C ARG A 49 -1.66 -5.22 14.40
N ARG A 50 -2.82 -5.34 14.99
CA ARG A 50 -3.83 -6.32 14.49
C ARG A 50 -4.16 -6.05 13.02
N GLU A 51 -3.80 -4.93 12.49
CA GLU A 51 -4.11 -4.66 11.06
C GLU A 51 -3.65 -5.86 10.22
N THR A 52 -2.70 -6.59 10.71
CA THR A 52 -2.22 -7.77 9.93
C THR A 52 -3.34 -8.81 9.87
N VAL A 53 -3.98 -9.08 10.97
CA VAL A 53 -5.09 -10.07 10.94
C VAL A 53 -6.00 -9.73 9.76
N GLU A 54 -6.07 -8.47 9.40
CA GLU A 54 -6.91 -8.08 8.24
C GLU A 54 -6.21 -8.59 6.99
N GLU A 55 -4.92 -8.37 6.89
CA GLU A 55 -4.19 -8.86 5.71
C GLU A 55 -4.52 -10.34 5.54
N ASN A 56 -4.14 -11.15 6.51
CA ASN A 56 -4.44 -12.60 6.43
C ASN A 56 -5.88 -12.79 5.98
N LEU A 57 -6.78 -11.92 6.35
CA LEU A 57 -8.18 -12.07 5.86
C LEU A 57 -8.10 -12.24 4.35
N GLY A 58 -7.62 -11.24 3.66
CA GLY A 58 -7.47 -11.39 2.19
C GLY A 58 -6.67 -12.67 1.95
N ARG A 59 -5.89 -13.05 2.95
CA ARG A 59 -5.02 -14.27 2.95
C ARG A 59 -3.58 -13.82 2.90
N ALA A 60 -3.26 -12.78 3.61
CA ALA A 60 -1.89 -12.26 3.54
C ALA A 60 -1.76 -11.88 2.09
N TRP A 61 -1.98 -10.63 1.79
CA TRP A 61 -2.02 -10.14 0.36
C TRP A 61 -1.33 -11.16 -0.55
N ASP A 62 -2.11 -12.16 -0.88
CA ASP A 62 -1.64 -13.30 -1.70
C ASP A 62 -2.15 -13.11 -3.13
N VAL A 63 -1.88 -11.97 -3.71
CA VAL A 63 -2.35 -11.71 -5.10
C VAL A 63 -1.32 -12.19 -6.11
N GLN A 64 -0.33 -12.91 -5.66
CA GLN A 64 0.73 -13.40 -6.60
C GLN A 64 0.08 -13.86 -7.91
N GLU A 65 -1.13 -14.35 -7.85
CA GLU A 65 -1.81 -14.81 -9.10
C GLU A 65 -2.04 -13.59 -10.00
N MET A 66 -2.66 -12.57 -9.47
CA MET A 66 -2.91 -11.34 -10.29
C MET A 66 -1.61 -10.54 -10.42
N LEU A 67 -0.56 -11.02 -9.80
CA LEU A 67 0.75 -10.31 -9.86
C LEU A 67 1.01 -9.69 -11.24
N VAL A 68 0.40 -10.21 -12.28
CA VAL A 68 0.62 -9.64 -13.65
C VAL A 68 0.70 -8.11 -13.58
N ASP A 69 0.05 -7.53 -12.61
CA ASP A 69 0.08 -6.05 -12.47
C ASP A 69 1.52 -5.58 -12.26
N VAL A 70 1.78 -4.31 -12.41
CA VAL A 70 3.18 -3.81 -12.21
C VAL A 70 3.44 -3.67 -10.71
N ILE A 71 4.68 -3.49 -10.33
CA ILE A 71 5.01 -3.37 -8.89
C ILE A 71 5.93 -2.16 -8.65
N THR A 72 5.83 -1.54 -7.50
CA THR A 72 6.71 -0.37 -7.20
C THR A 72 6.91 -0.27 -5.68
N ILE A 73 8.10 0.05 -5.26
CA ILE A 73 8.38 0.16 -3.79
C ILE A 73 9.24 1.40 -3.53
N GLY A 74 9.16 1.95 -2.34
CA GLY A 74 9.96 3.17 -2.04
C GLY A 74 9.95 3.43 -0.53
N GLY A 75 9.89 2.40 0.25
CA GLY A 75 9.91 2.56 1.72
C GLY A 75 10.65 1.37 2.34
N ASN A 76 9.95 0.35 2.74
CA ASN A 76 10.62 -0.84 3.33
C ASN A 76 9.59 -1.94 3.55
N VAL A 77 9.81 -2.78 4.54
CA VAL A 77 8.84 -3.87 4.81
C VAL A 77 9.35 -4.71 5.99
N ASP A 78 9.00 -4.35 7.20
CA ASP A 78 9.48 -5.13 8.37
C ASP A 78 8.30 -5.88 9.01
N GLU A 79 8.46 -7.15 9.24
CA GLU A 79 7.37 -7.94 9.86
C GLU A 79 7.93 -8.69 11.09
N ASP A 80 7.14 -8.88 12.09
CA ASP A 80 7.64 -9.60 13.31
C ASP A 80 7.01 -11.00 13.34
N ASP A 81 6.01 -11.20 14.16
CA ASP A 81 5.37 -12.55 14.23
C ASP A 81 4.00 -12.50 13.56
N ASP A 82 3.16 -11.59 13.99
CA ASP A 82 1.80 -11.48 13.38
C ASP A 82 1.56 -10.01 13.02
N ARG A 83 1.91 -9.13 13.91
CA ARG A 83 1.71 -7.68 13.64
C ARG A 83 2.40 -7.30 12.32
N PHE A 84 2.47 -6.04 12.01
CA PHE A 84 3.13 -5.62 10.74
C PHE A 84 3.50 -4.13 10.84
N VAL A 85 4.61 -3.74 10.29
CA VAL A 85 5.01 -2.30 10.39
C VAL A 85 5.85 -1.90 9.18
N LEU A 86 5.68 -0.68 8.72
CA LEU A 86 6.47 -0.19 7.55
C LEU A 86 6.79 1.29 7.77
N GLU A 87 8.01 1.70 7.55
CA GLU A 87 8.39 3.12 7.73
C GLU A 87 9.03 3.62 6.43
N TRP A 88 10.11 4.34 6.53
CA TRP A 88 10.78 4.84 5.30
C TRP A 88 11.85 3.83 4.86
N LYS A 89 13.09 4.05 5.24
CA LYS A 89 14.18 3.13 4.85
C LYS A 89 14.41 3.22 3.34
N ASN A 90 15.58 2.85 2.88
CA ASN A 90 15.86 2.93 1.43
C ASN A 90 14.99 1.91 0.67
N MET A 1 4.28 15.10 11.36
CA MET A 1 4.38 14.22 10.15
C MET A 1 5.41 14.80 9.18
N SER A 2 5.86 14.02 8.24
CA SER A 2 6.87 14.52 7.28
C SER A 2 7.27 13.40 6.31
N SER A 3 7.25 12.18 6.77
CA SER A 3 7.62 11.04 5.88
C SER A 3 6.46 10.73 4.95
N LEU A 4 6.73 10.20 3.78
CA LEU A 4 5.63 9.85 2.84
C LEU A 4 6.01 8.64 2.01
N VAL A 5 5.05 7.89 1.58
CA VAL A 5 5.34 6.68 0.76
C VAL A 5 4.80 6.87 -0.64
N TYR A 6 5.03 5.94 -1.51
CA TYR A 6 4.50 6.08 -2.90
C TYR A 6 4.06 4.70 -3.38
N ILE A 7 2.95 4.63 -4.05
CA ILE A 7 2.46 3.31 -4.54
C ILE A 7 1.53 3.55 -5.71
N ALA A 8 1.36 2.60 -6.57
CA ALA A 8 0.45 2.82 -7.74
C ALA A 8 0.09 1.49 -8.38
N PHE A 9 -1.13 1.34 -8.80
CA PHE A 9 -1.54 0.07 -9.43
C PHE A 9 -2.45 0.36 -10.62
N GLN A 10 -3.09 -0.63 -11.13
CA GLN A 10 -3.99 -0.40 -12.30
C GLN A 10 -5.03 -1.53 -12.32
N ASP A 11 -6.16 -1.28 -11.72
CA ASP A 11 -7.24 -2.30 -11.68
C ASP A 11 -8.40 -1.85 -12.58
N ASN A 12 -9.50 -2.54 -12.52
CA ASN A 12 -10.66 -2.13 -13.37
C ASN A 12 -11.26 -0.83 -12.81
N ASP A 13 -12.39 -0.92 -12.15
CA ASP A 13 -13.01 0.33 -11.59
C ASP A 13 -13.69 0.02 -10.25
N ASN A 14 -13.53 -1.17 -9.74
CA ASN A 14 -14.17 -1.51 -8.44
C ASN A 14 -13.12 -1.46 -7.32
N ALA A 15 -12.08 -2.22 -7.45
CA ALA A 15 -11.02 -2.23 -6.40
C ALA A 15 -10.41 -0.83 -6.26
N ARG A 16 -10.21 -0.16 -7.36
CA ARG A 16 -9.62 1.21 -7.27
C ARG A 16 -10.63 2.14 -6.58
N TYR A 17 -11.89 1.96 -6.84
CA TYR A 17 -12.92 2.83 -6.20
C TYR A 17 -12.87 2.63 -4.69
N VAL A 18 -12.77 1.41 -4.25
CA VAL A 18 -12.71 1.15 -2.78
C VAL A 18 -11.53 1.92 -2.18
N VAL A 19 -10.36 1.73 -2.73
CA VAL A 19 -9.17 2.46 -2.19
C VAL A 19 -9.39 3.96 -2.37
N GLU A 20 -10.20 4.35 -3.29
CA GLU A 20 -10.45 5.81 -3.50
C GLU A 20 -11.18 6.39 -2.29
N ALA A 21 -12.23 5.73 -1.86
CA ALA A 21 -12.97 6.25 -0.67
C ALA A 21 -12.07 6.22 0.56
N ILE A 22 -11.26 5.20 0.68
CA ILE A 22 -10.34 5.12 1.86
C ILE A 22 -9.40 6.32 1.85
N ILE A 23 -8.81 6.63 0.72
CA ILE A 23 -7.89 7.80 0.66
C ILE A 23 -8.61 9.03 1.22
N GLN A 24 -9.78 9.31 0.72
CA GLN A 24 -10.53 10.49 1.24
C GLN A 24 -10.75 10.32 2.73
N ASP A 25 -10.89 9.09 3.18
CA ASP A 25 -11.08 8.85 4.64
C ASP A 25 -10.06 9.72 5.39
N ASN A 26 -8.86 9.75 4.89
CA ASN A 26 -7.81 10.58 5.52
C ASN A 26 -7.74 11.91 4.76
N PRO A 27 -7.75 12.99 5.50
CA PRO A 27 -7.69 14.30 4.82
C PRO A 27 -6.24 14.67 4.51
N HIS A 28 -5.49 13.76 3.95
CA HIS A 28 -4.07 14.06 3.63
C HIS A 28 -3.60 13.18 2.47
N ALA A 29 -3.81 11.89 2.57
CA ALA A 29 -3.36 10.97 1.48
C ALA A 29 -3.66 11.60 0.12
N VAL A 30 -2.77 11.44 -0.82
CA VAL A 30 -2.99 12.01 -2.16
C VAL A 30 -3.95 11.10 -2.93
N VAL A 31 -4.11 11.31 -4.22
CA VAL A 31 -5.03 10.46 -4.99
C VAL A 31 -4.27 9.80 -6.16
N GLN A 32 -4.95 9.42 -7.20
CA GLN A 32 -4.26 8.77 -8.35
C GLN A 32 -4.32 9.69 -9.57
N HIS A 33 -4.31 9.14 -10.75
CA HIS A 33 -4.36 9.99 -11.98
C HIS A 33 -5.79 10.03 -12.52
N HIS A 34 -6.10 9.20 -13.49
CA HIS A 34 -7.47 9.21 -14.05
C HIS A 34 -7.71 7.93 -14.85
N PRO A 35 -7.03 7.83 -15.97
CA PRO A 35 -7.21 6.61 -16.79
C PRO A 35 -7.08 5.35 -15.94
N ALA A 36 -7.19 4.19 -16.55
CA ALA A 36 -7.08 2.92 -15.78
C ALA A 36 -5.92 3.02 -14.78
N MET A 37 -4.85 3.68 -15.15
CA MET A 37 -3.70 3.80 -14.22
C MET A 37 -4.13 4.59 -12.99
N ILE A 38 -3.63 4.24 -11.83
CA ILE A 38 -4.02 4.97 -10.60
C ILE A 38 -2.83 5.03 -9.64
N ARG A 39 -2.25 6.18 -9.47
CA ARG A 39 -1.08 6.30 -8.53
C ARG A 39 -1.58 6.65 -7.14
N ILE A 40 -0.70 6.69 -6.17
CA ILE A 40 -1.11 7.02 -4.78
C ILE A 40 0.12 7.43 -3.97
N GLU A 41 -0.09 8.01 -2.81
CA GLU A 41 1.07 8.43 -1.96
C GLU A 41 0.72 8.18 -0.49
N ALA A 42 1.68 8.32 0.38
CA ALA A 42 1.42 8.09 1.83
C ALA A 42 2.17 9.12 2.66
N GLU A 43 2.23 8.93 3.96
CA GLU A 43 2.94 9.89 4.84
C GLU A 43 3.64 9.13 5.98
N LYS A 44 4.84 8.64 5.76
CA LYS A 44 5.55 7.87 6.81
C LYS A 44 5.06 6.45 6.75
N ARG A 45 5.55 5.62 7.60
CA ARG A 45 5.08 4.23 7.60
C ARG A 45 5.82 3.45 8.68
N LEU A 46 5.74 2.14 8.65
CA LEU A 46 6.49 1.29 9.62
C LEU A 46 5.91 -0.14 9.60
N GLU A 47 6.11 -0.91 10.64
CA GLU A 47 5.55 -2.30 10.67
C GLU A 47 6.26 -3.11 11.76
N ILE A 48 6.09 -4.40 11.77
CA ILE A 48 6.76 -5.23 12.80
C ILE A 48 6.46 -6.73 12.55
N ARG A 49 6.45 -7.53 13.58
CA ARG A 49 6.19 -8.98 13.39
C ARG A 49 4.69 -9.27 13.53
N ARG A 50 4.03 -8.59 14.44
CA ARG A 50 2.57 -8.83 14.64
C ARG A 50 1.82 -8.54 13.34
N GLU A 51 2.29 -7.60 12.56
CA GLU A 51 1.58 -7.28 11.29
C GLU A 51 1.50 -8.53 10.40
N THR A 52 2.42 -9.44 10.56
CA THR A 52 2.39 -10.67 9.72
C THR A 52 1.15 -11.48 10.08
N VAL A 53 0.82 -11.58 11.33
CA VAL A 53 -0.38 -12.35 11.71
C VAL A 53 -1.56 -11.81 10.91
N GLU A 54 -1.51 -10.55 10.57
CA GLU A 54 -2.61 -9.95 9.77
C GLU A 54 -2.49 -10.52 8.36
N GLU A 55 -1.30 -10.65 7.87
CA GLU A 55 -1.11 -11.22 6.51
C GLU A 55 -1.74 -12.62 6.47
N ASN A 56 -1.24 -13.53 7.26
CA ASN A 56 -1.82 -14.91 7.28
C ASN A 56 -3.33 -14.80 7.30
N LEU A 57 -3.89 -13.82 7.99
CA LEU A 57 -5.38 -13.69 7.98
C LEU A 57 -5.79 -13.52 6.52
N GLY A 58 -5.15 -12.62 5.83
CA GLY A 58 -5.42 -12.45 4.38
C GLY A 58 -4.69 -13.56 3.62
N ARG A 59 -4.28 -14.58 4.35
CA ARG A 59 -3.57 -15.75 3.78
C ARG A 59 -2.21 -15.34 3.30
N ALA A 60 -1.48 -14.67 4.13
CA ALA A 60 -0.17 -14.20 3.69
C ALA A 60 -0.46 -13.37 2.47
N TRP A 61 -0.62 -12.09 2.66
CA TRP A 61 -1.03 -11.17 1.53
C TRP A 61 -0.81 -11.86 0.20
N ASP A 62 -1.77 -12.68 -0.12
CA ASP A 62 -1.74 -13.53 -1.33
C ASP A 62 -2.64 -12.92 -2.41
N VAL A 63 -2.27 -11.79 -2.93
CA VAL A 63 -3.11 -11.14 -4.00
C VAL A 63 -2.63 -11.63 -5.37
N GLN A 64 -1.74 -12.58 -5.40
CA GLN A 64 -1.24 -13.09 -6.71
C GLN A 64 -2.41 -13.26 -7.67
N GLU A 65 -3.57 -13.57 -7.16
CA GLU A 65 -4.76 -13.74 -8.05
C GLU A 65 -5.12 -12.39 -8.67
N MET A 66 -5.23 -11.38 -7.86
CA MET A 66 -5.59 -10.03 -8.38
C MET A 66 -4.39 -9.43 -9.13
N LEU A 67 -3.27 -10.10 -9.12
CA LEU A 67 -2.06 -9.56 -9.81
C LEU A 67 -2.44 -8.90 -11.14
N VAL A 68 -3.53 -9.31 -11.75
CA VAL A 68 -3.94 -8.71 -13.05
C VAL A 68 -3.69 -7.20 -13.01
N ASP A 69 -4.15 -6.55 -11.98
CA ASP A 69 -3.93 -5.07 -11.88
C ASP A 69 -2.45 -4.83 -11.55
N VAL A 70 -1.88 -3.77 -12.05
CA VAL A 70 -0.44 -3.51 -11.74
C VAL A 70 -0.33 -2.99 -10.31
N ILE A 71 0.87 -2.83 -9.80
CA ILE A 71 1.03 -2.33 -8.40
C ILE A 71 2.37 -1.60 -8.25
N THR A 72 2.48 -0.73 -7.29
CA THR A 72 3.77 0.01 -7.09
C THR A 72 3.94 0.33 -5.61
N ILE A 73 5.16 0.44 -5.16
CA ILE A 73 5.42 0.75 -3.74
C ILE A 73 6.55 1.78 -3.65
N GLY A 74 6.66 2.49 -2.54
CA GLY A 74 7.74 3.51 -2.44
C GLY A 74 8.02 3.86 -0.98
N GLY A 75 8.53 2.91 -0.25
CA GLY A 75 8.87 3.14 1.17
C GLY A 75 10.34 2.71 1.38
N ASN A 76 10.54 1.59 2.02
CA ASN A 76 11.94 1.12 2.26
C ASN A 76 11.88 -0.35 2.68
N VAL A 77 12.74 -0.77 3.56
CA VAL A 77 12.68 -2.19 4.00
C VAL A 77 13.61 -2.42 5.20
N ASP A 78 13.07 -2.42 6.39
CA ASP A 78 13.91 -2.64 7.60
C ASP A 78 13.50 -3.96 8.26
N GLU A 79 14.44 -4.83 8.50
CA GLU A 79 14.11 -6.13 9.15
C GLU A 79 15.02 -6.34 10.36
N ASP A 80 14.54 -7.04 11.36
CA ASP A 80 15.38 -7.28 12.56
C ASP A 80 15.78 -8.77 12.61
N ASP A 81 15.16 -9.55 13.46
CA ASP A 81 15.51 -10.99 13.54
C ASP A 81 14.41 -11.81 12.84
N ASP A 82 13.19 -11.61 13.25
CA ASP A 82 12.06 -12.35 12.62
C ASP A 82 10.98 -11.32 12.26
N ARG A 83 10.78 -10.39 13.15
CA ARG A 83 9.77 -9.34 12.91
C ARG A 83 10.00 -8.70 11.54
N PHE A 84 9.23 -7.70 11.23
CA PHE A 84 9.37 -7.01 9.92
C PHE A 84 8.73 -5.62 10.02
N VAL A 85 9.52 -4.58 9.99
CA VAL A 85 8.93 -3.22 10.11
C VAL A 85 9.37 -2.39 8.92
N LEU A 86 8.51 -1.53 8.41
CA LEU A 86 8.96 -0.71 7.25
C LEU A 86 8.23 0.61 7.23
N GLU A 87 8.98 1.68 7.10
CA GLU A 87 8.36 3.03 7.04
C GLU A 87 8.70 3.64 5.72
N TRP A 88 8.25 4.84 5.52
CA TRP A 88 8.59 5.53 4.24
C TRP A 88 10.08 5.27 3.94
N LYS A 89 10.94 6.11 4.43
CA LYS A 89 12.39 5.92 4.18
C LYS A 89 13.20 6.84 5.11
N ASN A 90 12.75 7.03 6.31
CA ASN A 90 13.48 7.90 7.26
C ASN A 90 14.48 7.05 8.06
#